data_9NXG
#
_entry.id   9NXG
#
_cell.length_a   80.265
_cell.length_b   81.614
_cell.length_c   82.105
_cell.angle_alpha   90.00
_cell.angle_beta   108.40
_cell.angle_gamma   90.00
#
_symmetry.space_group_name_H-M   'P 1 21 1'
#
loop_
_entity.id
_entity.type
_entity.pdbx_description
1 polymer 'Glycoside hydrolase family 43'
2 non-polymer GLYCEROL
3 non-polymer 'MAGNESIUM ION'
4 water water
#
_entity_poly.entity_id   1
_entity_poly.type   'polypeptide(L)'
_entity_poly.pdbx_seq_one_letter_code
;MTGADGAIAKLQSYNYSHMYIRNANFDVRIDDNVTPETDAQWVLVPGLANSGEGYVSIQSVDHLGYYLRHWNYDFRLEKN
DGTRIFAEDATFKMVPGLADPSYTSFQSYNYPTRYIRHYNYLLRLDEIVTALDREDATFRVIDSSSVDPDKADDSVIVTN
PIVRRRADPWVYRHTDGYYYMTASVPEYDRIELRRSRTLQGLSTATPKTIWRRHSSGIMGGHIWAPEIHFIDGKWYIYFS
AGTSTNYFDIRLYVLECSDSNPLTGTWVEKGQLKTNWESFTLDATTFEHNGTRYLVWAQKDPKIASNSNIYIAKMNGPLA
ITGNQVMISTPEYSWEKIGYAVNEGPAVLKKNGKIFITFSASATDANYCMGLLTASDTANLLDPKSWHKSPNPVFQSNPS
TGQYGPGHNSFTTSPDGKVDIMVYHARNYRDITGDPLYDPNRHTRAQIVNWNADGTPDFGIPVADGTNVIYIPPQTPTPI
PTNSPTPSDLIYLEHHHHHH
;
_entity_poly.pdbx_strand_id   A,B
#
loop_
_chem_comp.id
_chem_comp.type
_chem_comp.name
_chem_comp.formula
GOL non-polymer GLYCEROL 'C3 H8 O3'
MG non-polymer 'MAGNESIUM ION' 'Mg 2'
#
# COMPACT_ATOMS: atom_id res chain seq x y z
N GLY A 6 23.53 -12.12 34.17
CA GLY A 6 22.37 -11.24 34.23
C GLY A 6 21.06 -11.94 33.96
N ALA A 7 20.43 -11.61 32.83
CA ALA A 7 19.12 -12.14 32.48
C ALA A 7 19.13 -12.53 31.01
N ILE A 8 18.87 -13.82 30.73
CA ILE A 8 18.82 -14.31 29.36
C ILE A 8 17.57 -13.79 28.66
N ALA A 9 17.71 -13.38 27.41
CA ALA A 9 16.59 -12.74 26.73
C ALA A 9 16.73 -12.88 25.23
N LYS A 10 15.59 -12.79 24.55
CA LYS A 10 15.53 -12.56 23.12
CA LYS A 10 15.53 -12.56 23.12
C LYS A 10 15.06 -11.13 22.89
N LEU A 11 15.50 -10.55 21.77
CA LEU A 11 15.21 -9.15 21.43
C LEU A 11 14.47 -9.16 20.09
N GLN A 12 13.16 -9.03 20.16
CA GLN A 12 12.28 -9.18 19.01
C GLN A 12 11.92 -7.81 18.45
N SER A 13 11.94 -7.69 17.12
CA SER A 13 11.61 -6.42 16.49
C SER A 13 10.14 -6.07 16.66
N TYR A 14 9.88 -4.77 16.89
CA TYR A 14 8.50 -4.27 17.02
C TYR A 14 7.75 -4.35 15.70
N ASN A 15 8.39 -3.93 14.59
CA ASN A 15 7.72 -3.91 13.30
C ASN A 15 7.89 -5.18 12.49
N TYR A 16 8.86 -6.04 12.82
CA TYR A 16 9.01 -7.35 12.19
C TYR A 16 9.04 -8.34 13.34
N SER A 17 7.88 -8.69 13.87
CA SER A 17 7.84 -9.41 15.13
C SER A 17 8.19 -10.88 15.01
N HIS A 18 8.36 -11.39 13.78
CA HIS A 18 8.95 -12.70 13.55
C HIS A 18 10.47 -12.64 13.52
N MET A 19 11.06 -11.47 13.66
CA MET A 19 12.49 -11.29 13.52
C MET A 19 13.13 -10.88 14.84
N TYR A 20 14.37 -11.35 15.03
CA TYR A 20 15.10 -11.20 16.27
C TYR A 20 16.51 -10.70 15.99
N ILE A 21 17.04 -9.89 16.92
CA ILE A 21 18.46 -9.52 16.85
C ILE A 21 19.27 -10.78 17.04
N ARG A 22 20.17 -11.06 16.11
CA ARG A 22 20.95 -12.30 16.18
C ARG A 22 22.38 -12.08 15.76
N ASN A 23 23.24 -12.91 16.32
CA ASN A 23 24.62 -13.04 15.88
C ASN A 23 24.65 -13.76 14.55
N ALA A 24 25.15 -13.09 13.52
CA ALA A 24 25.34 -13.68 12.19
C ALA A 24 26.84 -13.73 11.91
N ASN A 25 27.48 -14.76 12.46
CA ASN A 25 28.93 -14.92 12.36
C ASN A 25 29.67 -13.62 12.70
N PHE A 26 29.25 -13.03 13.82
CA PHE A 26 29.81 -11.83 14.42
C PHE A 26 29.32 -10.52 13.80
N ASP A 27 28.65 -10.57 12.65
CA ASP A 27 27.85 -9.43 12.22
C ASP A 27 26.55 -9.51 13.02
N VAL A 28 25.75 -8.46 12.97
CA VAL A 28 24.54 -8.39 13.80
C VAL A 28 23.39 -7.92 12.93
N ARG A 29 22.32 -8.71 12.88
CA ARG A 29 21.18 -8.39 12.02
C ARG A 29 19.91 -8.85 12.73
N ILE A 30 18.77 -8.51 12.15
CA ILE A 30 17.52 -9.17 12.53
C ILE A 30 17.17 -10.20 11.48
N ASP A 31 16.70 -11.36 11.92
CA ASP A 31 16.31 -12.43 11.02
C ASP A 31 15.11 -13.16 11.61
N ASP A 32 14.31 -13.76 10.75
CA ASP A 32 13.41 -14.83 11.18
C ASP A 32 14.12 -16.18 11.03
N ASN A 33 13.47 -17.23 11.54
CA ASN A 33 13.95 -18.60 11.39
C ASN A 33 15.41 -18.74 11.81
N VAL A 34 15.73 -18.16 12.97
CA VAL A 34 17.12 -18.08 13.42
C VAL A 34 17.63 -19.48 13.75
N THR A 35 18.68 -19.90 13.07
CA THR A 35 19.32 -21.20 13.28
CA THR A 35 19.31 -21.19 13.32
C THR A 35 20.82 -20.97 13.34
N PRO A 36 21.52 -21.43 14.40
CA PRO A 36 20.95 -22.08 15.59
C PRO A 36 20.21 -21.07 16.47
N GLU A 37 19.23 -21.54 17.25
CA GLU A 37 18.41 -20.63 18.04
C GLU A 37 19.27 -19.81 19.00
N THR A 38 20.40 -20.35 19.44
CA THR A 38 21.26 -19.63 20.38
C THR A 38 21.80 -18.33 19.79
N ASP A 39 21.84 -18.21 18.46
CA ASP A 39 22.27 -16.94 17.85
C ASP A 39 21.37 -15.78 18.23
N ALA A 40 20.12 -16.04 18.64
CA ALA A 40 19.20 -15.00 19.05
C ALA A 40 19.07 -14.88 20.56
N GLN A 41 19.94 -15.54 21.32
CA GLN A 41 19.87 -15.52 22.77
C GLN A 41 20.98 -14.64 23.33
N TRP A 42 20.60 -13.71 24.22
CA TRP A 42 21.50 -12.74 24.79
C TRP A 42 21.37 -12.75 26.30
N VAL A 43 22.41 -12.30 26.99
CA VAL A 43 22.37 -12.06 28.42
C VAL A 43 22.46 -10.56 28.62
N LEU A 44 21.43 -9.98 29.21
CA LEU A 44 21.47 -8.56 29.56
C LEU A 44 22.15 -8.43 30.91
N VAL A 45 23.29 -7.74 30.93
CA VAL A 45 24.10 -7.62 32.14
C VAL A 45 24.21 -6.14 32.48
N PRO A 46 24.62 -5.82 33.71
CA PRO A 46 24.86 -4.41 34.05
C PRO A 46 25.85 -3.78 33.07
N GLY A 47 25.60 -2.52 32.73
CA GLY A 47 26.40 -1.83 31.73
C GLY A 47 27.89 -1.88 32.01
N LEU A 48 28.67 -2.25 30.99
CA LEU A 48 30.12 -2.29 31.15
C LEU A 48 30.69 -0.93 31.52
N ALA A 49 30.11 0.15 30.99
CA ALA A 49 30.62 1.48 31.28
C ALA A 49 29.97 2.13 32.48
N ASN A 50 28.84 1.58 32.94
CA ASN A 50 28.11 2.16 34.05
C ASN A 50 27.10 1.11 34.52
N SER A 51 27.19 0.68 35.76
CA SER A 51 26.30 -0.34 36.28
C SER A 51 25.07 0.23 36.95
N GLY A 52 24.83 1.54 36.79
CA GLY A 52 23.66 2.16 37.38
C GLY A 52 22.36 1.64 36.78
N GLU A 53 21.26 1.94 37.47
CA GLU A 53 19.96 1.44 37.06
C GLU A 53 19.63 1.88 35.64
N GLY A 54 19.17 0.94 34.83
CA GLY A 54 18.79 1.21 33.46
C GLY A 54 19.86 0.95 32.44
N TYR A 55 21.13 0.95 32.83
CA TYR A 55 22.24 0.74 31.90
C TYR A 55 22.52 -0.75 31.76
N VAL A 56 22.68 -1.21 30.52
CA VAL A 56 22.89 -2.62 30.23
CA VAL A 56 22.85 -2.63 30.22
C VAL A 56 23.93 -2.79 29.14
N SER A 57 24.54 -3.96 29.13
CA SER A 57 25.33 -4.43 28.00
C SER A 57 24.73 -5.76 27.56
N ILE A 58 24.91 -6.08 26.28
CA ILE A 58 24.17 -7.15 25.63
C ILE A 58 25.19 -8.22 25.24
N GLN A 59 25.25 -9.30 26.02
CA GLN A 59 26.29 -10.31 25.89
C GLN A 59 25.76 -11.55 25.18
N SER A 60 26.58 -12.13 24.32
CA SER A 60 26.24 -13.39 23.67
C SER A 60 26.21 -14.53 24.69
N VAL A 61 25.24 -15.43 24.54
CA VAL A 61 25.19 -16.62 25.38
C VAL A 61 26.23 -17.64 24.93
N ASP A 62 26.39 -17.81 23.62
CA ASP A 62 27.34 -18.81 23.10
C ASP A 62 28.78 -18.36 23.27
N HIS A 63 29.04 -17.05 23.17
CA HIS A 63 30.39 -16.51 23.18
C HIS A 63 30.50 -15.57 24.37
N LEU A 64 30.68 -16.13 25.56
CA LEU A 64 30.78 -15.29 26.75
C LEU A 64 31.98 -14.35 26.61
N GLY A 65 31.81 -13.13 27.12
CA GLY A 65 32.80 -12.09 26.95
C GLY A 65 32.68 -11.31 25.66
N TYR A 66 31.77 -11.70 24.77
CA TYR A 66 31.50 -10.97 23.54
C TYR A 66 30.18 -10.22 23.70
N TYR A 67 30.17 -8.96 23.26
CA TYR A 67 29.03 -8.07 23.45
C TYR A 67 28.74 -7.33 22.16
N LEU A 68 27.49 -6.88 22.04
CA LEU A 68 27.12 -5.98 20.95
C LEU A 68 27.82 -4.64 21.15
N ARG A 69 28.50 -4.20 20.10
CA ARG A 69 29.30 -3.00 20.17
C ARG A 69 29.15 -2.27 18.86
N HIS A 70 28.97 -0.95 18.92
CA HIS A 70 28.87 -0.17 17.69
C HIS A 70 30.22 0.46 17.34
N TRP A 71 30.48 0.56 16.04
CA TRP A 71 31.71 1.17 15.52
C TRP A 71 31.35 1.71 14.15
N ASN A 72 31.58 3.01 13.93
CA ASN A 72 31.10 3.68 12.73
C ASN A 72 29.59 3.49 12.56
N TYR A 73 28.87 3.45 13.67
CA TYR A 73 27.42 3.31 13.72
C TYR A 73 26.91 1.94 13.27
N ASP A 74 27.81 1.00 13.03
CA ASP A 74 27.48 -0.36 12.61
C ASP A 74 27.71 -1.29 13.79
N PHE A 75 26.84 -2.27 13.99
CA PHE A 75 27.00 -3.20 15.10
C PHE A 75 27.81 -4.44 14.71
N ARG A 76 28.67 -4.86 15.62
CA ARG A 76 29.34 -6.15 15.55
C ARG A 76 29.23 -6.80 16.91
N LEU A 77 29.42 -8.12 16.93
CA LEU A 77 29.59 -8.88 18.16
C LEU A 77 31.08 -9.04 18.38
N GLU A 78 31.60 -8.41 19.43
CA GLU A 78 33.05 -8.31 19.60
C GLU A 78 33.45 -8.66 21.03
N LYS A 79 34.65 -9.23 21.14
CA LYS A 79 35.18 -9.59 22.46
C LYS A 79 35.56 -8.33 23.23
N ASN A 80 35.10 -8.25 24.47
CA ASN A 80 35.46 -7.15 25.36
C ASN A 80 36.98 -7.11 25.54
N ASP A 81 37.59 -5.99 25.17
CA ASP A 81 39.03 -5.80 25.31
C ASP A 81 39.41 -5.05 26.58
N GLY A 82 38.45 -4.82 27.48
CA GLY A 82 38.71 -4.13 28.72
C GLY A 82 38.87 -2.63 28.64
N THR A 83 38.82 -2.04 27.44
CA THR A 83 39.05 -0.61 27.31
C THR A 83 37.79 0.18 27.62
N ARG A 84 38.00 1.44 27.99
CA ARG A 84 36.87 2.34 28.23
C ARG A 84 36.06 2.56 26.96
N ILE A 85 36.74 2.70 25.81
CA ILE A 85 36.01 2.92 24.57
C ILE A 85 35.11 1.75 24.24
N PHE A 86 35.60 0.51 24.43
CA PHE A 86 34.74 -0.64 24.21
C PHE A 86 33.52 -0.59 25.14
N ALA A 87 33.76 -0.40 26.43
CA ALA A 87 32.67 -0.35 27.39
C ALA A 87 31.61 0.68 26.99
N GLU A 88 32.06 1.86 26.58
CA GLU A 88 31.10 2.91 26.22
C GLU A 88 30.35 2.57 24.95
N ASP A 89 31.04 1.99 23.95
CA ASP A 89 30.41 1.54 22.70
C ASP A 89 29.54 0.30 22.88
N ALA A 90 29.54 -0.31 24.07
CA ALA A 90 28.79 -1.53 24.34
C ALA A 90 27.84 -1.37 25.52
N THR A 91 27.55 -0.14 25.90
CA THR A 91 26.61 0.15 26.99
C THR A 91 25.44 0.97 26.44
N PHE A 92 24.25 0.65 26.92
CA PHE A 92 23.01 1.27 26.47
C PHE A 92 22.10 1.48 27.65
N LYS A 93 21.30 2.54 27.59
CA LYS A 93 20.24 2.75 28.56
C LYS A 93 18.96 2.17 28.01
N MET A 94 18.30 1.32 28.79
CA MET A 94 17.00 0.80 28.40
C MET A 94 15.95 1.84 28.72
N VAL A 95 15.25 2.31 27.69
CA VAL A 95 14.26 3.37 27.84
C VAL A 95 12.94 2.88 27.27
N PRO A 96 11.83 3.52 27.62
CA PRO A 96 10.54 3.11 27.05
C PRO A 96 10.60 3.16 25.53
N GLY A 97 9.97 2.16 24.90
CA GLY A 97 10.02 2.00 23.45
C GLY A 97 9.63 3.27 22.71
N LEU A 98 10.43 3.65 21.71
CA LEU A 98 10.18 4.90 21.01
C LEU A 98 8.86 4.87 20.23
N ALA A 99 8.47 3.70 19.72
CA ALA A 99 7.21 3.57 19.00
C ALA A 99 6.06 3.17 19.89
N ASP A 100 6.34 2.68 21.10
CA ASP A 100 5.33 2.22 22.05
C ASP A 100 6.04 2.09 23.39
N PRO A 101 5.66 2.88 24.40
CA PRO A 101 6.43 2.91 25.66
C PRO A 101 6.35 1.62 26.47
N SER A 102 5.45 0.70 26.14
CA SER A 102 5.45 -0.60 26.79
C SER A 102 6.49 -1.55 26.25
N TYR A 103 7.12 -1.21 25.11
CA TYR A 103 8.24 -1.95 24.58
C TYR A 103 9.54 -1.29 25.05
N THR A 104 10.68 -1.62 24.42
CA THR A 104 11.98 -1.16 24.88
C THR A 104 12.77 -0.57 23.72
N SER A 105 13.48 0.51 23.99
CA SER A 105 14.51 1.01 23.09
C SER A 105 15.83 1.10 23.85
N PHE A 106 16.92 1.09 23.09
CA PHE A 106 18.27 1.03 23.64
C PHE A 106 19.03 2.29 23.20
N GLN A 107 19.22 3.22 24.14
CA GLN A 107 19.88 4.48 23.88
C GLN A 107 21.37 4.33 24.15
N SER A 108 22.21 4.78 23.23
CA SER A 108 23.66 4.66 23.42
C SER A 108 24.14 5.46 24.62
N TYR A 109 25.06 4.87 25.39
CA TYR A 109 25.62 5.54 26.56
C TYR A 109 26.46 6.75 26.16
N ASN A 110 27.30 6.60 25.13
CA ASN A 110 28.20 7.66 24.71
C ASN A 110 27.63 8.56 23.61
N TYR A 111 26.56 8.13 22.94
CA TYR A 111 25.85 8.94 21.95
C TYR A 111 24.38 8.93 22.33
N PRO A 112 23.98 9.71 23.34
CA PRO A 112 22.63 9.57 23.90
C PRO A 112 21.51 10.06 22.98
N THR A 113 21.82 10.65 21.84
CA THR A 113 20.77 10.91 20.87
C THR A 113 20.63 9.79 19.84
N ARG A 114 21.36 8.70 20.00
CA ARG A 114 21.33 7.61 19.05
C ARG A 114 20.83 6.33 19.72
N TYR A 115 20.18 5.48 18.93
CA TYR A 115 19.52 4.29 19.42
C TYR A 115 19.84 3.10 18.53
N ILE A 116 19.77 1.91 19.12
CA ILE A 116 19.86 0.69 18.33
C ILE A 116 18.65 0.61 17.40
N ARG A 117 18.91 0.36 16.12
CA ARG A 117 17.83 0.20 15.15
C ARG A 117 18.28 -0.72 14.04
N HIS A 118 17.32 -1.31 13.32
CA HIS A 118 17.61 -2.09 12.14
C HIS A 118 17.24 -1.31 10.88
N TYR A 119 18.02 -1.54 9.83
CA TYR A 119 17.70 -1.01 8.50
C TYR A 119 18.31 -1.95 7.49
N ASN A 120 17.52 -2.34 6.47
CA ASN A 120 17.93 -3.41 5.56
C ASN A 120 18.33 -4.66 6.34
N TYR A 121 17.66 -4.85 7.48
CA TYR A 121 17.83 -5.95 8.42
C TYR A 121 19.15 -5.92 9.18
N LEU A 122 20.01 -4.93 8.97
CA LEU A 122 21.28 -4.84 9.68
C LEU A 122 21.12 -3.95 10.91
N LEU A 123 21.78 -4.31 12.00
CA LEU A 123 21.69 -3.51 13.21
C LEU A 123 22.67 -2.35 13.17
N ARG A 124 22.18 -1.15 13.52
CA ARG A 124 22.91 0.11 13.41
C ARG A 124 22.65 0.92 14.68
N LEU A 125 23.39 2.00 14.83
CA LEU A 125 23.16 2.96 15.91
C LEU A 125 22.92 4.33 15.27
N ASP A 126 21.67 4.78 15.26
CA ASP A 126 21.29 5.96 14.48
C ASP A 126 20.49 6.94 15.32
N GLU A 127 20.48 8.20 14.89
CA GLU A 127 19.49 9.13 15.37
C GLU A 127 18.12 8.70 14.86
N ILE A 128 17.09 9.01 15.63
CA ILE A 128 15.74 8.52 15.36
C ILE A 128 14.82 9.72 15.17
N VAL A 129 14.30 9.91 13.95
CA VAL A 129 13.51 11.07 13.59
C VAL A 129 12.07 10.72 13.23
N THR A 130 11.90 9.81 12.27
CA THR A 130 10.58 9.57 11.70
C THR A 130 9.83 8.49 12.49
N ALA A 131 8.52 8.40 12.22
CA ALA A 131 7.73 7.34 12.82
C ALA A 131 8.27 5.96 12.46
N LEU A 132 8.74 5.81 11.22
CA LEU A 132 9.33 4.54 10.82
C LEU A 132 10.66 4.30 11.53
N ASP A 133 11.50 5.34 11.67
CA ASP A 133 12.72 5.21 12.48
C ASP A 133 12.38 4.68 13.87
N ARG A 134 11.32 5.20 14.48
CA ARG A 134 10.98 4.80 15.84
C ARG A 134 10.61 3.33 15.89
N GLU A 135 9.85 2.84 14.91
CA GLU A 135 9.53 1.42 14.87
C GLU A 135 10.77 0.57 14.69
N ASP A 136 11.73 1.02 13.85
CA ASP A 136 12.98 0.30 13.65
C ASP A 136 13.84 0.26 14.90
N ALA A 137 13.56 1.13 15.87
CA ALA A 137 14.34 1.26 17.09
C ALA A 137 13.59 0.75 18.32
N THR A 138 12.49 0.02 18.12
CA THR A 138 11.70 -0.50 19.22
C THR A 138 11.74 -2.02 19.19
N PHE A 139 11.89 -2.63 20.37
CA PHE A 139 12.09 -4.07 20.50
C PHE A 139 11.29 -4.57 21.70
N ARG A 140 10.88 -5.83 21.62
CA ARG A 140 10.27 -6.52 22.75
C ARG A 140 11.34 -7.40 23.39
N VAL A 141 11.57 -7.20 24.68
CA VAL A 141 12.48 -8.05 25.44
C VAL A 141 11.67 -9.24 25.95
N ILE A 142 12.03 -10.43 25.53
CA ILE A 142 11.37 -11.65 25.97
C ILE A 142 12.36 -12.38 26.87
N ASP A 143 12.06 -12.43 28.17
CA ASP A 143 13.03 -12.92 29.14
C ASP A 143 12.41 -13.98 30.05
N SER A 144 13.09 -14.32 31.14
CA SER A 144 12.57 -15.36 32.02
C SER A 144 11.27 -14.96 32.72
N SER A 145 10.94 -13.67 32.75
CA SER A 145 9.68 -13.23 33.32
C SER A 145 8.52 -13.33 32.35
N SER A 146 8.81 -13.59 31.06
CA SER A 146 7.77 -13.70 30.05
C SER A 146 7.10 -15.06 30.13
N VAL A 147 5.85 -15.12 29.66
CA VAL A 147 5.15 -16.40 29.58
C VAL A 147 5.96 -17.37 28.74
N ASP A 148 6.10 -18.59 29.22
CA ASP A 148 6.88 -19.62 28.54
C ASP A 148 5.92 -20.43 27.68
N PRO A 149 6.02 -20.39 26.35
CA PRO A 149 5.09 -21.16 25.50
C PRO A 149 5.18 -22.67 25.69
N ASP A 150 6.22 -23.19 26.33
CA ASP A 150 6.30 -24.63 26.54
C ASP A 150 5.73 -25.08 27.88
N LYS A 151 5.25 -24.16 28.72
CA LYS A 151 4.70 -24.48 30.03
C LYS A 151 3.18 -24.63 29.94
N ALA A 152 2.65 -25.72 30.47
CA ALA A 152 1.21 -25.95 30.45
C ALA A 152 0.53 -25.22 31.61
N ASP A 153 -0.74 -24.90 31.40
CA ASP A 153 -1.59 -24.31 32.44
C ASP A 153 -3.02 -24.62 32.07
N ASP A 154 -3.81 -25.11 33.03
CA ASP A 154 -5.22 -25.34 32.75
C ASP A 154 -6.06 -24.09 32.81
N SER A 155 -5.58 -23.04 33.47
CA SER A 155 -6.29 -21.77 33.45
C SER A 155 -5.93 -20.99 32.20
N VAL A 156 -6.91 -20.25 31.67
CA VAL A 156 -6.72 -19.43 30.47
C VAL A 156 -6.85 -17.98 30.89
N ILE A 157 -5.72 -17.29 31.00
CA ILE A 157 -5.69 -15.86 31.27
C ILE A 157 -4.84 -15.24 30.18
N VAL A 158 -5.36 -14.20 29.54
CA VAL A 158 -4.66 -13.57 28.43
C VAL A 158 -4.59 -12.07 28.66
N THR A 159 -3.67 -11.43 27.96
CA THR A 159 -3.63 -9.99 27.85
C THR A 159 -3.88 -9.64 26.39
N ASN A 160 -5.04 -9.03 26.11
CA ASN A 160 -5.34 -8.63 24.75
C ASN A 160 -4.76 -7.25 24.46
N PRO A 161 -4.14 -7.04 23.28
CA PRO A 161 -3.99 -8.00 22.19
C PRO A 161 -2.93 -9.07 22.49
N ILE A 162 -3.24 -10.32 22.12
CA ILE A 162 -2.27 -11.39 22.33
C ILE A 162 -1.14 -11.31 21.31
N VAL A 163 -1.47 -11.08 20.03
CA VAL A 163 -0.47 -10.96 18.98
C VAL A 163 -0.81 -9.71 18.16
N ARG A 164 0.05 -8.71 18.23
CA ARG A 164 -0.13 -7.48 17.47
CA ARG A 164 -0.19 -7.50 17.47
C ARG A 164 0.10 -7.72 15.99
N ARG A 165 -0.63 -6.99 15.14
CA ARG A 165 -0.38 -6.96 13.70
C ARG A 165 -0.40 -8.36 13.09
N ARG A 166 -1.36 -9.18 13.52
CA ARG A 166 -1.67 -10.43 12.84
C ARG A 166 -3.17 -10.52 12.71
N ALA A 167 -3.64 -10.71 11.49
CA ALA A 167 -5.07 -10.73 11.16
C ALA A 167 -5.48 -12.15 10.81
N ASP A 168 -6.79 -12.38 10.74
CA ASP A 168 -7.34 -13.67 10.38
C ASP A 168 -6.74 -14.80 11.23
N PRO A 169 -6.77 -14.68 12.55
CA PRO A 169 -6.04 -15.66 13.38
C PRO A 169 -6.73 -17.01 13.41
N TRP A 170 -5.97 -18.04 13.09
CA TRP A 170 -6.43 -19.43 13.15
C TRP A 170 -5.67 -20.13 14.26
N VAL A 171 -6.39 -20.64 15.26
CA VAL A 171 -5.77 -21.35 16.38
C VAL A 171 -6.34 -22.76 16.45
N TYR A 172 -5.45 -23.74 16.46
CA TYR A 172 -5.81 -25.15 16.44
CA TYR A 172 -5.79 -25.16 16.40
C TYR A 172 -5.14 -25.85 17.60
N ARG A 173 -5.95 -26.47 18.47
CA ARG A 173 -5.44 -27.23 19.60
C ARG A 173 -5.19 -28.67 19.15
N HIS A 174 -3.93 -29.07 19.14
CA HIS A 174 -3.51 -30.40 18.69
C HIS A 174 -3.39 -31.36 19.87
N THR A 175 -3.24 -32.64 19.55
CA THR A 175 -3.22 -33.71 20.55
C THR A 175 -1.85 -33.92 21.17
N ASP A 176 -0.94 -32.96 21.00
CA ASP A 176 0.36 -32.94 21.67
C ASP A 176 0.39 -31.94 22.82
N GLY A 177 -0.75 -31.35 23.16
CA GLY A 177 -0.79 -30.34 24.20
C GLY A 177 -0.33 -28.96 23.78
N TYR A 178 -0.30 -28.68 22.47
CA TYR A 178 0.01 -27.35 21.96
C TYR A 178 -1.14 -26.77 21.14
N TYR A 179 -1.33 -25.47 21.27
CA TYR A 179 -2.06 -24.70 20.26
C TYR A 179 -1.08 -24.31 19.15
N TYR A 180 -1.55 -24.40 17.91
CA TYR A 180 -0.81 -23.93 16.74
C TYR A 180 -1.58 -22.77 16.13
N MET A 181 -0.87 -21.69 15.81
CA MET A 181 -1.49 -20.49 15.27
C MET A 181 -0.87 -20.12 13.93
N THR A 182 -1.74 -19.91 12.94
CA THR A 182 -1.41 -19.28 11.67
C THR A 182 -2.28 -18.04 11.54
N ALA A 183 -1.86 -17.11 10.67
CA ALA A 183 -2.54 -15.82 10.55
C ALA A 183 -2.05 -15.14 9.28
N SER A 184 -2.80 -14.15 8.81
CA SER A 184 -2.31 -13.28 7.75
C SER A 184 -1.32 -12.27 8.33
N VAL A 185 -0.16 -12.15 7.68
CA VAL A 185 0.84 -11.17 8.11
C VAL A 185 0.62 -9.89 7.32
N PRO A 186 1.08 -8.74 7.82
CA PRO A 186 0.69 -7.46 7.18
C PRO A 186 1.14 -7.32 5.73
N GLU A 187 2.24 -7.95 5.34
CA GLU A 187 2.71 -7.88 3.96
C GLU A 187 2.04 -8.90 3.06
N TYR A 188 1.25 -9.81 3.64
CA TYR A 188 0.54 -10.84 2.87
C TYR A 188 1.47 -11.58 1.91
N ASP A 189 2.65 -11.98 2.39
CA ASP A 189 3.67 -12.52 1.49
C ASP A 189 4.25 -13.85 1.94
N ARG A 190 3.71 -14.45 3.01
CA ARG A 190 4.31 -15.66 3.56
C ARG A 190 3.31 -16.30 4.50
N ILE A 191 3.60 -17.54 4.88
CA ILE A 191 2.82 -18.30 5.85
C ILE A 191 3.66 -18.45 7.11
N GLU A 192 3.14 -17.96 8.23
CA GLU A 192 3.80 -17.97 9.52
C GLU A 192 3.07 -18.92 10.46
N LEU A 193 3.85 -19.68 11.23
CA LEU A 193 3.31 -20.64 12.19
C LEU A 193 4.00 -20.46 13.53
N ARG A 194 3.25 -20.59 14.62
CA ARG A 194 3.81 -20.58 15.97
C ARG A 194 3.01 -21.55 16.83
N ARG A 195 3.56 -21.89 17.99
CA ARG A 195 2.86 -22.80 18.89
C ARG A 195 3.09 -22.41 20.35
N SER A 196 2.13 -22.79 21.19
CA SER A 196 2.22 -22.53 22.62
C SER A 196 1.25 -23.45 23.35
N ARG A 197 1.62 -23.86 24.56
CA ARG A 197 0.71 -24.70 25.34
C ARG A 197 -0.46 -23.89 25.91
N THR A 198 -0.33 -22.58 26.00
CA THR A 198 -1.36 -21.67 26.49
C THR A 198 -1.63 -20.61 25.43
N LEU A 199 -2.85 -20.07 25.43
CA LEU A 199 -3.14 -18.98 24.50
C LEU A 199 -2.22 -17.79 24.73
N GLN A 200 -1.97 -17.44 26.01
CA GLN A 200 -1.13 -16.27 26.24
C GLN A 200 0.29 -16.46 25.73
N GLY A 201 0.82 -17.68 25.80
CA GLY A 201 2.14 -17.93 25.28
C GLY A 201 2.27 -17.77 23.77
N LEU A 202 1.16 -17.69 23.04
CA LEU A 202 1.25 -17.34 21.63
C LEU A 202 1.89 -15.96 21.47
N SER A 203 1.72 -15.09 22.46
CA SER A 203 2.31 -13.77 22.41
C SER A 203 3.83 -13.82 22.36
N THR A 204 4.44 -14.72 23.13
CA THR A 204 5.89 -14.78 23.27
C THR A 204 6.53 -15.90 22.48
N ALA A 205 5.75 -16.76 21.84
CA ALA A 205 6.30 -17.87 21.07
C ALA A 205 7.12 -17.34 19.89
N THR A 206 8.16 -18.09 19.53
CA THR A 206 8.99 -17.76 18.38
C THR A 206 8.32 -18.29 17.13
N PRO A 207 7.82 -17.43 16.24
CA PRO A 207 7.18 -17.93 15.03
C PRO A 207 8.23 -18.42 14.03
N LYS A 208 7.77 -19.22 13.08
CA LYS A 208 8.59 -19.62 11.96
C LYS A 208 7.88 -19.26 10.67
N THR A 209 8.64 -18.76 9.70
CA THR A 209 8.15 -18.61 8.34
C THR A 209 8.31 -19.96 7.66
N ILE A 210 7.20 -20.64 7.41
CA ILE A 210 7.30 -21.99 6.85
C ILE A 210 7.18 -22.00 5.34
N TRP A 211 6.75 -20.90 4.73
CA TRP A 211 6.59 -20.83 3.28
C TRP A 211 6.53 -19.37 2.88
N ARG A 212 7.17 -19.03 1.78
CA ARG A 212 7.13 -17.69 1.22
C ARG A 212 6.60 -17.73 -0.21
N ARG A 213 5.98 -16.64 -0.65
CA ARG A 213 5.32 -16.66 -1.94
C ARG A 213 6.31 -16.81 -3.09
N HIS A 214 5.80 -17.29 -4.21
CA HIS A 214 6.58 -17.43 -5.42
C HIS A 214 6.88 -16.07 -6.03
N SER A 215 7.97 -16.02 -6.80
CA SER A 215 8.38 -14.77 -7.44
C SER A 215 7.62 -14.48 -8.73
N SER A 216 6.88 -15.46 -9.26
CA SER A 216 6.17 -15.27 -10.52
CA SER A 216 6.16 -15.26 -10.53
C SER A 216 5.02 -16.26 -10.60
N GLY A 217 3.95 -15.85 -11.26
CA GLY A 217 2.84 -16.75 -11.53
C GLY A 217 1.96 -17.01 -10.32
N ILE A 218 1.36 -18.21 -10.32
CA ILE A 218 0.44 -18.57 -9.25
C ILE A 218 1.18 -18.63 -7.92
N MET A 219 0.45 -18.42 -6.83
CA MET A 219 1.02 -18.33 -5.49
C MET A 219 2.04 -17.19 -5.36
N GLY A 220 1.94 -16.18 -6.22
CA GLY A 220 2.86 -15.06 -6.22
C GLY A 220 2.22 -13.72 -5.90
N GLY A 221 0.94 -13.73 -5.50
CA GLY A 221 0.25 -12.51 -5.16
C GLY A 221 0.02 -12.37 -3.66
N HIS A 222 -1.13 -11.83 -3.26
CA HIS A 222 -1.44 -11.77 -1.83
C HIS A 222 -1.56 -13.17 -1.27
N ILE A 223 -1.03 -13.37 -0.07
CA ILE A 223 -1.11 -14.64 0.66
C ILE A 223 -1.99 -14.39 1.88
N TRP A 224 -3.16 -15.04 1.92
CA TRP A 224 -4.18 -14.69 2.90
C TRP A 224 -4.65 -15.88 3.71
N ALA A 225 -4.85 -15.63 5.00
CA ALA A 225 -5.67 -16.46 5.87
C ALA A 225 -5.34 -17.96 5.87
N PRO A 226 -4.09 -18.34 6.14
CA PRO A 226 -3.76 -19.76 6.21
C PRO A 226 -4.37 -20.42 7.44
N GLU A 227 -4.76 -21.70 7.29
CA GLU A 227 -5.22 -22.51 8.42
C GLU A 227 -4.46 -23.82 8.45
N ILE A 228 -3.94 -24.18 9.62
CA ILE A 228 -3.25 -25.47 9.83
C ILE A 228 -4.21 -26.48 10.47
N HIS A 229 -4.29 -27.66 9.87
CA HIS A 229 -5.14 -28.75 10.34
C HIS A 229 -4.31 -30.02 10.35
N PHE A 230 -4.68 -30.95 11.23
CA PHE A 230 -4.07 -32.27 11.27
C PHE A 230 -5.15 -33.27 10.86
N ILE A 231 -4.93 -33.97 9.74
CA ILE A 231 -5.95 -34.83 9.14
C ILE A 231 -5.28 -36.13 8.72
N ASP A 232 -5.80 -37.26 9.21
CA ASP A 232 -5.32 -38.59 8.81
C ASP A 232 -3.81 -38.71 8.96
N GLY A 233 -3.29 -38.24 10.09
CA GLY A 233 -1.90 -38.41 10.42
C GLY A 233 -0.93 -37.45 9.77
N LYS A 234 -1.41 -36.42 9.07
CA LYS A 234 -0.53 -35.45 8.42
C LYS A 234 -1.05 -34.05 8.66
N TRP A 235 -0.13 -33.08 8.57
CA TRP A 235 -0.47 -31.67 8.65
C TRP A 235 -0.81 -31.12 7.27
N TYR A 236 -1.80 -30.24 7.23
CA TYR A 236 -2.19 -29.52 6.02
C TYR A 236 -2.31 -28.05 6.35
N ILE A 237 -1.86 -27.19 5.44
CA ILE A 237 -2.19 -25.77 5.48
C ILE A 237 -3.03 -25.45 4.27
N TYR A 238 -4.25 -24.97 4.52
CA TYR A 238 -5.11 -24.42 3.47
C TYR A 238 -4.94 -22.91 3.48
N PHE A 239 -4.62 -22.34 2.32
CA PHE A 239 -4.39 -20.89 2.26
C PHE A 239 -4.88 -20.36 0.93
N SER A 240 -4.96 -19.04 0.86
CA SER A 240 -5.44 -18.34 -0.32
C SER A 240 -4.29 -17.54 -0.93
N ALA A 241 -4.15 -17.60 -2.25
CA ALA A 241 -3.03 -16.92 -2.89
C ALA A 241 -3.42 -16.38 -4.26
N GLY A 242 -3.07 -15.12 -4.50
CA GLY A 242 -3.17 -14.53 -5.82
C GLY A 242 -1.94 -14.83 -6.67
N THR A 243 -1.84 -14.12 -7.80
CA THR A 243 -0.73 -14.29 -8.73
C THR A 243 0.16 -13.05 -8.73
N SER A 244 1.34 -13.20 -9.32
CA SER A 244 2.27 -12.08 -9.37
C SER A 244 1.79 -10.95 -10.27
N THR A 245 0.94 -11.25 -11.27
CA THR A 245 0.38 -10.23 -12.16
C THR A 245 -0.97 -9.72 -11.72
N ASN A 246 -1.62 -10.40 -10.76
CA ASN A 246 -2.87 -9.92 -10.19
C ASN A 246 -2.92 -10.43 -8.75
N TYR A 247 -2.55 -9.55 -7.82
CA TYR A 247 -2.46 -9.96 -6.42
C TYR A 247 -3.80 -10.44 -5.88
N PHE A 248 -4.91 -10.06 -6.52
CA PHE A 248 -6.25 -10.41 -6.09
C PHE A 248 -6.89 -11.54 -6.89
N ASP A 249 -6.17 -12.16 -7.83
CA ASP A 249 -6.69 -13.30 -8.57
C ASP A 249 -6.46 -14.56 -7.73
N ILE A 250 -7.26 -14.69 -6.69
CA ILE A 250 -6.94 -15.55 -5.56
C ILE A 250 -7.63 -16.90 -5.68
N ARG A 251 -6.90 -17.98 -5.38
CA ARG A 251 -7.43 -19.33 -5.33
C ARG A 251 -6.96 -19.99 -4.04
N LEU A 252 -7.52 -21.17 -3.76
CA LEU A 252 -7.14 -21.98 -2.61
C LEU A 252 -5.97 -22.88 -2.97
N TYR A 253 -4.98 -22.99 -2.07
CA TYR A 253 -3.83 -23.85 -2.24
C TYR A 253 -3.60 -24.64 -0.96
N VAL A 254 -2.87 -25.74 -1.08
CA VAL A 254 -2.61 -26.64 0.04
C VAL A 254 -1.13 -26.91 0.17
N LEU A 255 -0.61 -26.90 1.40
CA LEU A 255 0.69 -27.47 1.73
C LEU A 255 0.46 -28.68 2.62
N GLU A 256 1.38 -29.65 2.54
CA GLU A 256 1.31 -30.87 3.33
C GLU A 256 2.63 -31.12 4.04
N CYS A 257 2.56 -31.60 5.27
CA CYS A 257 3.75 -31.96 6.05
C CYS A 257 3.45 -33.23 6.82
N SER A 258 4.16 -34.31 6.51
CA SER A 258 4.01 -35.57 7.24
CA SER A 258 3.96 -35.53 7.28
C SER A 258 4.84 -35.62 8.52
N ASP A 259 5.89 -34.79 8.60
CA ASP A 259 6.70 -34.76 9.81
C ASP A 259 5.84 -34.29 10.98
N SER A 260 6.13 -34.81 12.17
CA SER A 260 5.18 -34.61 13.26
C SER A 260 5.22 -33.21 13.85
N ASN A 261 6.37 -32.54 13.83
CA ASN A 261 6.45 -31.17 14.34
C ASN A 261 6.39 -30.23 13.15
N PRO A 262 5.30 -29.49 12.96
CA PRO A 262 5.16 -28.66 11.76
C PRO A 262 6.07 -27.45 11.76
N LEU A 263 6.71 -27.14 12.90
CA LEU A 263 7.68 -26.06 12.98
C LEU A 263 9.09 -26.50 12.56
N THR A 264 9.38 -27.80 12.53
CA THR A 264 10.67 -28.27 12.06
C THR A 264 10.55 -29.09 10.78
N GLY A 265 9.34 -29.51 10.41
CA GLY A 265 9.18 -30.46 9.34
C GLY A 265 9.24 -29.83 7.96
N THR A 266 9.30 -30.70 6.96
CA THR A 266 9.35 -30.28 5.57
C THR A 266 7.93 -30.13 5.02
N TRP A 267 7.62 -28.96 4.48
CA TRP A 267 6.34 -28.69 3.86
C TRP A 267 6.44 -28.80 2.33
N VAL A 268 5.46 -29.44 1.72
CA VAL A 268 5.43 -29.67 0.28
C VAL A 268 4.18 -29.02 -0.30
N GLU A 269 4.33 -28.34 -1.43
CA GLU A 269 3.18 -27.79 -2.12
C GLU A 269 2.39 -28.89 -2.79
N LYS A 270 1.08 -28.88 -2.60
CA LYS A 270 0.20 -29.83 -3.26
C LYS A 270 -0.62 -29.19 -4.39
N GLY A 271 -0.55 -27.88 -4.55
CA GLY A 271 -1.22 -27.22 -5.65
C GLY A 271 -2.58 -26.66 -5.26
N GLN A 272 -3.33 -26.27 -6.29
CA GLN A 272 -4.59 -25.60 -6.09
C GLN A 272 -5.66 -26.60 -5.65
N LEU A 273 -6.43 -26.24 -4.61
CA LEU A 273 -7.63 -26.99 -4.25
C LEU A 273 -8.75 -26.45 -5.13
N LYS A 274 -9.09 -27.20 -6.17
CA LYS A 274 -10.05 -26.72 -7.16
C LYS A 274 -11.48 -26.85 -6.65
N THR A 275 -12.31 -25.90 -7.04
CA THR A 275 -13.74 -25.97 -6.79
C THR A 275 -14.46 -26.06 -8.14
N ASN A 276 -15.79 -25.85 -8.13
CA ASN A 276 -16.60 -26.12 -9.33
C ASN A 276 -16.33 -25.14 -10.48
N TRP A 277 -15.83 -23.93 -10.19
CA TRP A 277 -15.50 -22.98 -11.24
C TRP A 277 -14.32 -22.13 -10.76
N GLU A 278 -13.69 -21.44 -11.72
CA GLU A 278 -12.52 -20.61 -11.43
C GLU A 278 -12.98 -19.17 -11.22
N SER A 279 -12.69 -18.64 -10.04
CA SER A 279 -12.96 -17.26 -9.67
C SER A 279 -12.23 -17.00 -8.35
N PHE A 280 -12.29 -15.75 -7.89
CA PHE A 280 -11.84 -15.33 -6.57
C PHE A 280 -12.36 -16.29 -5.51
N THR A 281 -11.45 -17.03 -4.86
CA THR A 281 -11.81 -18.09 -3.91
C THR A 281 -10.86 -18.02 -2.73
N LEU A 282 -11.39 -18.01 -1.51
CA LEU A 282 -10.54 -17.71 -0.35
C LEU A 282 -11.15 -18.25 0.94
N ASP A 283 -10.34 -18.20 2.00
CA ASP A 283 -10.81 -18.37 3.38
C ASP A 283 -11.36 -19.78 3.65
N ALA A 284 -10.74 -20.80 3.06
CA ALA A 284 -11.24 -22.16 3.28
C ALA A 284 -10.96 -22.65 4.68
N THR A 285 -11.91 -23.40 5.23
CA THR A 285 -11.73 -24.18 6.45
C THR A 285 -12.33 -25.55 6.22
N THR A 286 -12.13 -26.46 7.17
CA THR A 286 -12.64 -27.81 7.02
C THR A 286 -13.08 -28.33 8.38
N PHE A 287 -14.08 -29.19 8.35
CA PHE A 287 -14.56 -29.87 9.56
C PHE A 287 -15.06 -31.25 9.19
N GLU A 288 -15.20 -32.10 10.21
CA GLU A 288 -15.70 -33.45 10.03
C GLU A 288 -16.97 -33.59 10.87
N HIS A 289 -17.91 -34.40 10.36
CA HIS A 289 -19.12 -34.70 11.11
C HIS A 289 -19.67 -36.04 10.65
N ASN A 290 -19.82 -36.97 11.61
CA ASN A 290 -20.48 -38.26 11.38
C ASN A 290 -19.86 -39.03 10.20
N GLY A 291 -18.54 -38.96 10.08
CA GLY A 291 -17.81 -39.71 9.09
C GLY A 291 -17.61 -39.03 7.74
N THR A 292 -18.10 -37.80 7.57
CA THR A 292 -17.89 -37.05 6.34
C THR A 292 -17.09 -35.80 6.66
N ARG A 293 -16.10 -35.50 5.82
CA ARG A 293 -15.35 -34.25 5.90
C ARG A 293 -15.91 -33.26 4.89
N TYR A 294 -16.00 -32.00 5.29
CA TYR A 294 -16.51 -30.92 4.46
C TYR A 294 -15.47 -29.83 4.37
N LEU A 295 -15.48 -29.14 3.23
CA LEU A 295 -14.79 -27.86 3.07
C LEU A 295 -15.83 -26.76 3.10
N VAL A 296 -15.53 -25.66 3.79
CA VAL A 296 -16.37 -24.47 3.82
C VAL A 296 -15.49 -23.29 3.44
N TRP A 297 -15.93 -22.48 2.49
CA TRP A 297 -15.04 -21.43 1.98
C TRP A 297 -15.86 -20.29 1.40
N ALA A 298 -15.16 -19.24 0.97
CA ALA A 298 -15.78 -18.09 0.34
C ALA A 298 -15.38 -18.04 -1.13
N GLN A 299 -16.34 -17.71 -2.00
CA GLN A 299 -16.03 -17.66 -3.44
C GLN A 299 -16.97 -16.69 -4.15
N LYS A 300 -16.41 -16.01 -5.15
CA LYS A 300 -17.17 -15.16 -6.05
C LYS A 300 -17.94 -16.00 -7.06
N ASP A 301 -19.23 -15.72 -7.19
CA ASP A 301 -20.01 -16.19 -8.31
C ASP A 301 -20.17 -15.03 -9.27
N PRO A 302 -19.67 -15.13 -10.51
CA PRO A 302 -19.81 -14.02 -11.47
C PRO A 302 -21.24 -13.55 -11.66
N LYS A 303 -22.21 -14.43 -11.40
CA LYS A 303 -23.62 -14.13 -11.61
C LYS A 303 -24.27 -13.44 -10.42
N ILE A 304 -23.53 -13.19 -9.34
CA ILE A 304 -24.07 -12.58 -8.13
C ILE A 304 -23.18 -11.39 -7.78
N ALA A 305 -23.81 -10.25 -7.49
N ALA A 305 -23.79 -10.25 -7.45
CA ALA A 305 -23.13 -8.99 -7.20
CA ALA A 305 -23.03 -9.01 -7.30
C ALA A 305 -22.73 -8.93 -5.72
C ALA A 305 -21.96 -9.09 -6.21
N SER A 306 -21.94 -9.91 -5.34
N SER A 306 -22.19 -9.89 -5.18
CA SER A 306 -21.29 -9.93 -4.04
CA SER A 306 -21.33 -10.01 -4.00
C SER A 306 -19.83 -10.29 -4.29
C SER A 306 -19.85 -10.23 -4.32
N ASN A 307 -18.96 -9.79 -3.41
CA ASN A 307 -17.54 -10.13 -3.56
C ASN A 307 -17.30 -11.62 -3.36
N SER A 308 -18.05 -12.23 -2.45
CA SER A 308 -17.94 -13.66 -2.19
C SER A 308 -19.14 -14.10 -1.38
N ASN A 309 -19.49 -15.37 -1.55
CA ASN A 309 -20.53 -16.06 -0.82
C ASN A 309 -19.91 -17.25 -0.10
N ILE A 310 -20.62 -17.82 0.88
CA ILE A 310 -20.14 -18.99 1.61
C ILE A 310 -20.64 -20.25 0.92
N TYR A 311 -19.74 -21.20 0.70
CA TYR A 311 -20.04 -22.47 0.08
C TYR A 311 -19.60 -23.62 0.99
N ILE A 312 -20.27 -24.75 0.84
CA ILE A 312 -19.87 -26.00 1.48
C ILE A 312 -19.84 -27.10 0.42
N ALA A 313 -18.98 -28.08 0.64
CA ALA A 313 -18.96 -29.28 -0.20
C ALA A 313 -18.34 -30.42 0.59
N LYS A 314 -18.73 -31.64 0.20
CA LYS A 314 -18.07 -32.82 0.74
C LYS A 314 -16.66 -32.89 0.20
N MET A 315 -15.75 -33.41 1.01
CA MET A 315 -14.38 -33.64 0.58
C MET A 315 -14.14 -35.12 0.30
N ASN A 316 -13.18 -35.37 -0.59
CA ASN A 316 -12.67 -36.70 -0.89
C ASN A 316 -11.21 -36.70 -0.44
N GLY A 317 -11.00 -36.89 0.85
CA GLY A 317 -9.70 -36.72 1.46
C GLY A 317 -9.38 -35.25 1.62
N PRO A 318 -8.21 -34.95 2.19
CA PRO A 318 -7.88 -33.55 2.55
C PRO A 318 -7.51 -32.66 1.38
N LEU A 319 -7.36 -33.20 0.17
CA LEU A 319 -6.84 -32.44 -0.96
C LEU A 319 -7.91 -32.06 -1.98
N ALA A 320 -9.15 -32.50 -1.83
CA ALA A 320 -10.10 -32.25 -2.90
C ALA A 320 -11.53 -32.24 -2.38
N ILE A 321 -12.39 -31.50 -3.08
CA ILE A 321 -13.83 -31.62 -2.88
C ILE A 321 -14.36 -32.64 -3.87
N THR A 322 -15.60 -33.08 -3.67
CA THR A 322 -16.28 -33.94 -4.63
C THR A 322 -17.70 -33.44 -4.79
N GLY A 323 -18.26 -33.66 -5.97
CA GLY A 323 -19.62 -33.22 -6.21
C GLY A 323 -19.76 -31.71 -6.34
N ASN A 324 -20.99 -31.26 -6.15
CA ASN A 324 -21.33 -29.86 -6.34
C ASN A 324 -21.08 -29.09 -5.06
N GLN A 325 -20.53 -27.88 -5.22
CA GLN A 325 -20.50 -26.95 -4.10
C GLN A 325 -21.88 -26.32 -3.94
N VAL A 326 -22.19 -25.97 -2.70
CA VAL A 326 -23.54 -25.54 -2.32
C VAL A 326 -23.42 -24.19 -1.63
N MET A 327 -24.09 -23.18 -2.15
CA MET A 327 -24.05 -21.86 -1.52
C MET A 327 -24.95 -21.87 -0.28
N ILE A 328 -24.40 -21.55 0.87
CA ILE A 328 -25.17 -21.53 2.12
C ILE A 328 -25.34 -20.13 2.70
N SER A 329 -24.66 -19.13 2.16
CA SER A 329 -24.90 -17.76 2.58
C SER A 329 -24.45 -16.81 1.47
N THR A 330 -25.25 -15.78 1.22
CA THR A 330 -24.87 -14.70 0.32
C THR A 330 -25.29 -13.40 0.99
N PRO A 331 -24.54 -12.31 0.82
CA PRO A 331 -24.85 -11.10 1.59
C PRO A 331 -26.15 -10.46 1.15
N GLU A 332 -27.04 -10.21 2.10
CA GLU A 332 -28.34 -9.61 1.79
C GLU A 332 -28.80 -8.55 2.78
N TYR A 333 -28.47 -8.67 4.07
CA TYR A 333 -28.81 -7.64 5.04
C TYR A 333 -27.90 -6.43 4.88
N SER A 334 -28.40 -5.26 5.30
CA SER A 334 -27.64 -4.02 5.16
C SER A 334 -26.29 -4.12 5.86
N TRP A 335 -26.24 -4.82 7.00
CA TRP A 335 -25.01 -4.95 7.78
C TRP A 335 -23.98 -5.86 7.13
N GLU A 336 -24.34 -6.57 6.07
CA GLU A 336 -23.42 -7.41 5.31
C GLU A 336 -22.84 -6.68 4.11
N LYS A 337 -23.24 -5.42 3.87
CA LYS A 337 -22.95 -4.73 2.61
C LYS A 337 -22.39 -3.32 2.81
N ILE A 338 -21.93 -2.97 4.01
CA ILE A 338 -21.31 -1.66 4.17
C ILE A 338 -19.96 -1.65 3.47
N GLY A 339 -19.77 -0.69 2.58
CA GLY A 339 -18.57 -0.64 1.76
C GLY A 339 -18.75 -1.51 0.54
N TYR A 340 -18.90 -2.81 0.79
CA TYR A 340 -19.22 -3.74 -0.28
C TYR A 340 -19.90 -4.97 0.33
N ALA A 341 -20.64 -5.67 -0.51
CA ALA A 341 -21.38 -6.86 -0.09
C ALA A 341 -20.43 -8.05 -0.08
N VAL A 342 -20.28 -8.69 1.08
CA VAL A 342 -19.32 -9.79 1.19
C VAL A 342 -19.73 -10.70 2.34
N ASN A 343 -19.56 -12.00 2.14
CA ASN A 343 -19.49 -12.97 3.23
C ASN A 343 -18.17 -13.72 3.06
N GLU A 344 -17.37 -13.80 4.13
CA GLU A 344 -16.07 -14.44 4.03
C GLU A 344 -15.70 -15.01 5.40
N GLY A 345 -14.48 -15.55 5.52
CA GLY A 345 -13.96 -16.03 6.79
C GLY A 345 -14.84 -16.98 7.59
N PRO A 346 -15.34 -18.05 6.99
CA PRO A 346 -16.18 -18.99 7.75
C PRO A 346 -15.37 -19.72 8.84
N ALA A 347 -16.05 -19.99 9.96
CA ALA A 347 -15.46 -20.74 11.07
C ALA A 347 -16.54 -21.63 11.67
N VAL A 348 -16.18 -22.87 11.99
CA VAL A 348 -17.14 -23.90 12.38
C VAL A 348 -17.06 -24.19 13.87
N LEU A 349 -18.23 -24.31 14.51
CA LEU A 349 -18.35 -24.61 15.93
C LEU A 349 -19.50 -25.60 16.10
N LYS A 350 -19.23 -26.76 16.67
CA LYS A 350 -20.24 -27.81 16.86
C LYS A 350 -20.65 -27.87 18.32
N LYS A 351 -21.96 -27.81 18.59
CA LYS A 351 -22.44 -27.83 19.97
C LYS A 351 -23.94 -28.03 19.96
N ASN A 352 -24.44 -28.70 20.99
CA ASN A 352 -25.88 -28.74 21.30
C ASN A 352 -26.71 -29.24 20.13
N GLY A 353 -26.19 -30.25 19.43
CA GLY A 353 -26.91 -30.82 18.31
C GLY A 353 -26.95 -29.97 17.06
N LYS A 354 -26.10 -28.94 16.97
CA LYS A 354 -26.09 -28.00 15.85
C LYS A 354 -24.68 -27.88 15.28
N ILE A 355 -24.62 -27.47 14.02
CA ILE A 355 -23.40 -26.97 13.41
C ILE A 355 -23.59 -25.47 13.28
N PHE A 356 -22.71 -24.71 13.91
CA PHE A 356 -22.70 -23.25 13.80
C PHE A 356 -21.54 -22.85 12.90
N ILE A 357 -21.80 -21.94 11.97
CA ILE A 357 -20.74 -21.38 11.13
C ILE A 357 -20.83 -19.87 11.23
N THR A 358 -19.83 -19.26 11.86
CA THR A 358 -19.77 -17.82 11.79
C THR A 358 -19.08 -17.40 10.50
N PHE A 359 -19.35 -16.17 10.08
CA PHE A 359 -18.72 -15.61 8.90
C PHE A 359 -18.58 -14.12 9.14
N SER A 360 -17.71 -13.47 8.36
CA SER A 360 -17.53 -12.03 8.46
C SER A 360 -18.11 -11.36 7.24
N ALA A 361 -18.50 -10.09 7.41
CA ALA A 361 -19.22 -9.37 6.37
C ALA A 361 -18.90 -7.89 6.47
N SER A 362 -19.25 -7.16 5.40
CA SER A 362 -18.91 -5.76 5.21
C SER A 362 -17.40 -5.58 5.02
N ALA A 363 -16.99 -4.33 4.78
CA ALA A 363 -15.60 -3.99 4.51
C ALA A 363 -14.73 -4.25 5.73
N THR A 364 -13.42 -4.40 5.47
CA THR A 364 -12.44 -4.73 6.50
C THR A 364 -11.97 -3.52 7.30
N ASP A 365 -12.77 -2.47 7.36
CA ASP A 365 -12.53 -1.35 8.26
C ASP A 365 -13.34 -1.53 9.54
N ALA A 366 -13.72 -0.44 10.19
CA ALA A 366 -14.48 -0.54 11.43
C ALA A 366 -15.84 -1.18 11.22
N ASN A 367 -16.33 -1.24 9.97
CA ASN A 367 -17.64 -1.80 9.67
C ASN A 367 -17.64 -3.33 9.64
N TYR A 368 -16.48 -3.95 9.63
CA TYR A 368 -16.41 -5.42 9.62
C TYR A 368 -17.16 -5.98 10.81
N CYS A 369 -17.88 -7.07 10.58
CA CYS A 369 -18.65 -7.68 11.66
C CYS A 369 -18.87 -9.15 11.31
N MET A 370 -19.50 -9.87 12.23
CA MET A 370 -19.74 -11.29 12.09
CA MET A 370 -19.75 -11.29 12.04
C MET A 370 -21.22 -11.61 12.11
N GLY A 371 -21.62 -12.58 11.28
CA GLY A 371 -22.94 -13.19 11.34
C GLY A 371 -22.82 -14.66 11.67
N LEU A 372 -23.98 -15.31 11.75
CA LEU A 372 -24.05 -16.70 12.17
C LEU A 372 -24.98 -17.49 11.27
N LEU A 373 -24.52 -18.66 10.85
CA LEU A 373 -25.35 -19.66 10.20
C LEU A 373 -25.49 -20.85 11.13
N THR A 374 -26.69 -21.42 11.19
CA THR A 374 -26.94 -22.58 12.05
C THR A 374 -27.66 -23.65 11.25
N ALA A 375 -27.21 -24.90 11.40
CA ALA A 375 -27.94 -26.05 10.88
C ALA A 375 -28.06 -27.09 11.97
N SER A 376 -29.15 -27.84 11.94
CA SER A 376 -29.23 -29.03 12.78
C SER A 376 -28.17 -30.03 12.34
N ASP A 377 -27.52 -30.67 13.31
CA ASP A 377 -26.45 -31.58 12.91
C ASP A 377 -26.95 -32.91 12.36
N THR A 378 -28.26 -33.13 12.33
CA THR A 378 -28.86 -34.28 11.67
C THR A 378 -29.40 -33.95 10.29
N ALA A 379 -29.30 -32.69 9.85
CA ALA A 379 -29.84 -32.28 8.56
C ALA A 379 -28.85 -32.58 7.44
N ASN A 380 -29.36 -32.54 6.21
CA ASN A 380 -28.51 -32.59 5.03
C ASN A 380 -27.74 -31.29 4.94
N LEU A 381 -26.45 -31.34 5.27
CA LEU A 381 -25.64 -30.13 5.27
C LEU A 381 -25.37 -29.58 3.87
N LEU A 382 -25.68 -30.34 2.82
CA LEU A 382 -25.55 -29.89 1.43
C LEU A 382 -26.86 -29.38 0.86
N ASP A 383 -27.89 -29.21 1.69
CA ASP A 383 -29.11 -28.53 1.29
C ASP A 383 -29.04 -27.11 1.83
N PRO A 384 -29.07 -26.09 0.99
CA PRO A 384 -29.00 -24.71 1.50
C PRO A 384 -30.09 -24.40 2.51
N LYS A 385 -31.25 -25.04 2.40
CA LYS A 385 -32.34 -24.70 3.30
C LYS A 385 -32.19 -25.32 4.68
N SER A 386 -31.15 -26.14 4.89
CA SER A 386 -30.78 -26.58 6.23
C SER A 386 -30.07 -25.48 7.02
N TRP A 387 -29.60 -24.45 6.36
CA TRP A 387 -28.75 -23.42 6.98
C TRP A 387 -29.55 -22.15 7.16
N HIS A 388 -29.47 -21.57 8.36
CA HIS A 388 -30.28 -20.42 8.72
C HIS A 388 -29.39 -19.29 9.21
N LYS A 389 -29.50 -18.12 8.59
CA LYS A 389 -28.70 -16.97 8.96
C LYS A 389 -29.41 -16.17 10.04
N SER A 390 -28.73 -15.88 11.14
CA SER A 390 -29.33 -15.02 12.15
C SER A 390 -29.54 -13.63 11.56
N PRO A 391 -30.64 -12.94 11.91
CA PRO A 391 -30.98 -11.71 11.21
C PRO A 391 -30.15 -10.49 11.55
N ASN A 392 -29.32 -10.54 12.60
CA ASN A 392 -28.51 -9.43 13.03
C ASN A 392 -27.08 -9.91 13.15
N PRO A 393 -26.11 -8.99 13.13
CA PRO A 393 -24.74 -9.37 13.46
C PRO A 393 -24.69 -10.03 14.83
N VAL A 394 -23.80 -11.01 14.96
CA VAL A 394 -23.56 -11.66 16.25
C VAL A 394 -22.30 -11.15 16.94
N PHE A 395 -21.49 -10.34 16.28
CA PHE A 395 -20.31 -9.74 16.90
C PHE A 395 -19.96 -8.51 16.06
N GLN A 396 -19.69 -7.39 16.72
CA GLN A 396 -19.52 -6.14 15.98
C GLN A 396 -18.73 -5.16 16.83
N SER A 397 -18.37 -4.04 16.20
CA SER A 397 -17.63 -2.98 16.88
C SER A 397 -18.35 -2.54 18.14
N ASN A 398 -17.57 -2.08 19.12
CA ASN A 398 -18.16 -1.56 20.34
C ASN A 398 -17.37 -0.34 20.79
N PRO A 399 -17.93 0.86 20.66
CA PRO A 399 -17.22 2.05 21.13
C PRO A 399 -16.90 2.04 22.60
N SER A 400 -17.74 1.43 23.44
CA SER A 400 -17.49 1.45 24.88
C SER A 400 -16.26 0.65 25.27
N THR A 401 -15.93 -0.42 24.54
CA THR A 401 -14.69 -1.16 24.79
C THR A 401 -13.57 -0.74 23.85
N GLY A 402 -13.84 0.13 22.88
CA GLY A 402 -12.81 0.66 22.01
C GLY A 402 -12.28 -0.31 20.98
N GLN A 403 -13.10 -1.26 20.54
CA GLN A 403 -12.68 -2.30 19.61
C GLN A 403 -13.52 -2.22 18.34
N TYR A 404 -12.85 -2.19 17.18
CA TYR A 404 -13.49 -1.84 15.93
C TYR A 404 -13.20 -2.88 14.85
N GLY A 405 -14.24 -3.19 14.08
CA GLY A 405 -14.15 -4.11 12.97
C GLY A 405 -13.69 -5.52 13.34
N PRO A 406 -14.32 -6.15 14.33
CA PRO A 406 -13.91 -7.50 14.71
C PRO A 406 -14.38 -8.56 13.72
N GLY A 407 -13.53 -9.54 13.47
CA GLY A 407 -13.95 -10.61 12.58
C GLY A 407 -12.82 -11.57 12.25
N HIS A 408 -13.04 -12.27 11.13
CA HIS A 408 -12.33 -13.45 10.67
C HIS A 408 -11.80 -14.29 11.83
N ASN A 409 -12.73 -14.88 12.56
CA ASN A 409 -12.44 -15.60 13.78
C ASN A 409 -12.12 -17.06 13.53
N SER A 410 -11.57 -17.70 14.56
CA SER A 410 -11.54 -19.15 14.69
C SER A 410 -12.06 -19.52 16.07
N PHE A 411 -12.30 -20.81 16.27
CA PHE A 411 -12.75 -21.32 17.55
C PHE A 411 -11.78 -22.37 18.06
N THR A 412 -11.42 -22.28 19.34
CA THR A 412 -10.62 -23.31 19.98
C THR A 412 -11.22 -23.59 21.34
N THR A 413 -10.49 -24.31 22.19
CA THR A 413 -10.99 -24.68 23.50
C THR A 413 -9.93 -24.38 24.54
N SER A 414 -10.34 -24.39 25.80
CA SER A 414 -9.40 -24.48 26.90
C SER A 414 -8.62 -25.80 26.77
N PRO A 415 -7.46 -25.89 27.42
CA PRO A 415 -6.68 -27.14 27.30
C PRO A 415 -7.48 -28.37 27.69
N ASP A 416 -8.35 -28.25 28.69
CA ASP A 416 -9.13 -29.41 29.12
C ASP A 416 -10.36 -29.67 28.26
N GLY A 417 -10.60 -28.87 27.21
CA GLY A 417 -11.70 -29.05 26.30
C GLY A 417 -13.04 -28.56 26.78
N LYS A 418 -13.14 -28.05 28.01
CA LYS A 418 -14.45 -27.84 28.62
C LYS A 418 -15.14 -26.56 28.14
N VAL A 419 -14.39 -25.55 27.71
CA VAL A 419 -15.01 -24.33 27.21
C VAL A 419 -14.50 -23.98 25.83
N ASP A 420 -15.36 -23.30 25.07
CA ASP A 420 -15.03 -22.79 23.76
C ASP A 420 -14.51 -21.37 23.87
N ILE A 421 -13.49 -21.05 23.07
CA ILE A 421 -12.83 -19.76 23.10
C ILE A 421 -12.77 -19.23 21.67
N MET A 422 -13.16 -17.98 21.48
CA MET A 422 -13.11 -17.36 20.16
C MET A 422 -11.84 -16.53 20.05
N VAL A 423 -11.10 -16.75 18.96
CA VAL A 423 -9.91 -15.98 18.62
C VAL A 423 -10.23 -15.19 17.36
N TYR A 424 -9.94 -13.89 17.36
CA TYR A 424 -10.39 -13.05 16.27
C TYR A 424 -9.49 -11.83 16.21
N HIS A 425 -9.65 -11.01 15.17
CA HIS A 425 -8.91 -9.76 15.10
C HIS A 425 -9.83 -8.56 15.27
N ALA A 426 -9.24 -7.44 15.67
CA ALA A 426 -9.93 -6.16 15.72
C ALA A 426 -8.89 -5.05 15.84
N ARG A 427 -9.31 -3.83 15.53
CA ARG A 427 -8.48 -2.66 15.77
C ARG A 427 -8.94 -1.93 17.03
N ASN A 428 -8.01 -1.24 17.68
CA ASN A 428 -8.35 -0.45 18.86
C ASN A 428 -8.51 1.04 18.56
N TYR A 429 -8.75 1.39 17.30
CA TYR A 429 -9.17 2.71 16.89
C TYR A 429 -10.10 2.54 15.70
N ARG A 430 -10.90 3.57 15.45
CA ARG A 430 -11.97 3.49 14.45
C ARG A 430 -11.54 3.95 13.07
N ASP A 431 -10.95 5.14 12.96
CA ASP A 431 -10.75 5.78 11.67
C ASP A 431 -9.45 5.30 11.03
N ILE A 432 -9.53 4.94 9.75
CA ILE A 432 -8.40 4.40 9.01
C ILE A 432 -8.03 5.37 7.90
N THR A 433 -6.73 5.58 7.70
CA THR A 433 -6.22 6.40 6.60
C THR A 433 -5.83 5.46 5.45
N GLY A 434 -6.39 5.71 4.28
CA GLY A 434 -6.04 4.93 3.11
C GLY A 434 -6.80 3.62 3.00
N ASP A 435 -6.37 2.82 2.02
CA ASP A 435 -6.95 1.51 1.77
C ASP A 435 -6.80 0.64 3.02
N PRO A 436 -7.90 0.15 3.61
CA PRO A 436 -7.77 -0.59 4.88
C PRO A 436 -6.94 -1.85 4.79
N LEU A 437 -6.81 -2.44 3.60
CA LEU A 437 -5.96 -3.61 3.45
C LEU A 437 -4.53 -3.31 3.87
N TYR A 438 -4.11 -2.06 3.79
CA TYR A 438 -2.75 -1.64 4.07
C TYR A 438 -2.61 -0.94 5.41
N ASP A 439 -3.66 -0.92 6.21
CA ASP A 439 -3.53 -0.58 7.62
C ASP A 439 -3.25 -1.89 8.36
N PRO A 440 -2.08 -2.04 8.97
CA PRO A 440 -1.63 -3.35 9.47
C PRO A 440 -2.06 -3.66 10.90
N ASN A 441 -2.90 -2.83 11.51
CA ASN A 441 -3.08 -2.84 12.96
C ASN A 441 -4.28 -3.67 13.43
N ARG A 442 -4.77 -4.60 12.61
CA ARG A 442 -5.67 -5.61 13.16
C ARG A 442 -4.87 -6.55 14.06
N HIS A 443 -5.29 -6.68 15.31
CA HIS A 443 -4.54 -7.46 16.29
C HIS A 443 -5.34 -8.70 16.69
N THR A 444 -4.62 -9.77 17.02
CA THR A 444 -5.23 -11.03 17.43
C THR A 444 -5.56 -11.01 18.91
N ARG A 445 -6.79 -11.44 19.24
CA ARG A 445 -7.25 -11.40 20.61
C ARG A 445 -8.21 -12.57 20.85
N ALA A 446 -8.58 -12.78 22.11
CA ALA A 446 -9.40 -13.93 22.47
C ALA A 446 -10.32 -13.61 23.64
N GLN A 447 -11.48 -14.27 23.64
CA GLN A 447 -12.40 -14.22 24.77
C GLN A 447 -13.27 -15.46 24.74
N ILE A 448 -13.97 -15.72 25.85
CA ILE A 448 -14.79 -16.92 25.95
CA ILE A 448 -14.81 -16.90 25.99
C ILE A 448 -15.99 -16.84 25.03
N VAL A 449 -16.47 -18.00 24.61
CA VAL A 449 -17.79 -18.13 24.00
C VAL A 449 -18.72 -18.57 25.11
N ASN A 450 -19.72 -17.75 25.41
CA ASN A 450 -20.75 -18.16 26.35
C ASN A 450 -21.86 -18.90 25.61
N TRP A 451 -22.69 -19.62 26.38
CA TRP A 451 -23.76 -20.42 25.81
C TRP A 451 -25.09 -19.98 26.39
N ASN A 452 -26.02 -19.61 25.52
CA ASN A 452 -27.38 -19.28 25.95
C ASN A 452 -28.11 -20.56 26.32
N ALA A 453 -29.09 -20.42 27.22
CA ALA A 453 -29.89 -21.57 27.63
C ALA A 453 -30.69 -22.17 26.48
N ASP A 454 -30.89 -21.42 25.39
CA ASP A 454 -31.56 -21.98 24.22
C ASP A 454 -30.61 -22.77 23.33
N GLY A 455 -29.36 -22.94 23.74
CA GLY A 455 -28.41 -23.76 23.00
C GLY A 455 -27.55 -22.99 22.01
N THR A 456 -27.80 -21.71 21.81
CA THR A 456 -27.05 -20.93 20.83
C THR A 456 -25.89 -20.19 21.49
N PRO A 457 -24.85 -19.88 20.72
CA PRO A 457 -23.70 -19.18 21.31
C PRO A 457 -24.00 -17.72 21.57
N ASP A 458 -23.38 -17.19 22.62
CA ASP A 458 -23.43 -15.78 22.97
C ASP A 458 -22.00 -15.27 22.91
N PHE A 459 -21.67 -14.57 21.82
CA PHE A 459 -20.31 -14.06 21.64
C PHE A 459 -20.07 -12.78 22.41
N GLY A 460 -21.12 -12.11 22.88
CA GLY A 460 -20.92 -10.93 23.68
C GLY A 460 -20.45 -9.75 22.84
N ILE A 461 -19.66 -8.88 23.47
CA ILE A 461 -19.06 -7.73 22.80
C ILE A 461 -17.55 -7.91 22.87
N PRO A 462 -16.78 -7.37 21.93
CA PRO A 462 -15.32 -7.50 22.02
C PRO A 462 -14.79 -6.85 23.29
N VAL A 463 -14.03 -7.62 24.07
CA VAL A 463 -13.55 -7.12 25.35
C VAL A 463 -12.53 -5.99 25.16
N ALA A 464 -12.47 -5.09 26.13
CA ALA A 464 -11.47 -4.03 26.08
C ALA A 464 -10.08 -4.65 26.21
N ASP A 465 -9.09 -3.89 25.74
CA ASP A 465 -7.70 -4.32 25.87
C ASP A 465 -7.35 -4.50 27.34
N GLY A 466 -6.40 -5.38 27.59
CA GLY A 466 -5.93 -5.66 28.93
C GLY A 466 -6.12 -7.12 29.30
N THR A 467 -5.97 -7.40 30.59
CA THR A 467 -6.04 -8.79 31.06
C THR A 467 -7.48 -9.28 31.05
N ASN A 468 -7.70 -10.48 30.51
CA ASN A 468 -9.00 -11.13 30.48
C ASN A 468 -8.85 -12.52 31.06
N VAL A 469 -9.58 -12.81 32.14
CA VAL A 469 -9.63 -14.15 32.71
C VAL A 469 -10.69 -14.91 31.92
N ILE A 470 -10.24 -15.73 30.96
CA ILE A 470 -11.17 -16.46 30.10
C ILE A 470 -11.73 -17.69 30.79
N TYR A 471 -10.90 -18.43 31.54
CA TYR A 471 -11.33 -19.72 32.07
C TYR A 471 -10.49 -20.10 33.27
N ILE A 472 -11.16 -20.42 34.37
CA ILE A 472 -10.57 -21.08 35.52
C ILE A 472 -11.27 -22.44 35.63
N PRO A 473 -10.55 -23.55 35.63
CA PRO A 473 -11.23 -24.86 35.66
C PRO A 473 -12.02 -25.06 36.93
N PRO A 474 -13.25 -25.58 36.83
CA PRO A 474 -14.01 -25.90 38.05
C PRO A 474 -13.38 -27.05 38.81
N GLN A 475 -13.73 -27.11 40.10
CA GLN A 475 -13.21 -28.12 41.02
C GLN A 475 -14.37 -28.83 41.69
N THR A 476 -14.37 -30.15 41.61
CA THR A 476 -15.37 -30.97 42.28
C THR A 476 -15.29 -30.78 43.79
N PRO A 477 -16.43 -30.57 44.48
CA PRO A 477 -16.45 -30.46 45.94
C PRO A 477 -15.91 -31.71 46.63
N GLY B 6 23.74 34.92 -5.85
CA GLY B 6 22.81 35.83 -6.48
C GLY B 6 22.02 35.20 -7.62
N ALA B 7 21.17 34.23 -7.27
CA ALA B 7 20.34 33.55 -8.25
C ALA B 7 18.98 33.27 -7.63
N ILE B 8 17.93 33.88 -8.19
CA ILE B 8 16.56 33.68 -7.71
C ILE B 8 16.08 32.27 -8.08
N ALA B 9 15.51 31.57 -7.11
CA ALA B 9 15.20 30.16 -7.31
C ALA B 9 14.03 29.74 -6.45
N LYS B 10 13.35 28.68 -6.91
CA LYS B 10 12.45 27.89 -6.08
C LYS B 10 13.10 26.54 -5.82
N LEU B 11 12.74 25.94 -4.69
CA LEU B 11 13.32 24.68 -4.23
C LEU B 11 12.17 23.68 -4.10
N GLN B 12 12.03 22.80 -5.09
CA GLN B 12 10.92 21.87 -5.19
C GLN B 12 11.31 20.52 -4.62
N SER B 13 10.42 19.91 -3.85
CA SER B 13 10.71 18.60 -3.27
C SER B 13 10.76 17.50 -4.34
N TYR B 14 11.71 16.58 -4.17
CA TYR B 14 11.85 15.43 -5.07
C TYR B 14 10.67 14.48 -4.95
N ASN B 15 10.23 14.19 -3.72
CA ASN B 15 9.17 13.21 -3.50
C ASN B 15 7.78 13.83 -3.37
N TYR B 16 7.68 15.14 -3.15
CA TYR B 16 6.40 15.87 -3.16
C TYR B 16 6.60 17.03 -4.11
N SER B 17 6.50 16.75 -5.42
CA SER B 17 6.98 17.73 -6.39
C SER B 17 6.01 18.86 -6.65
N HIS B 18 4.82 18.80 -6.07
CA HIS B 18 3.93 19.95 -5.98
C HIS B 18 4.26 20.86 -4.82
N MET B 19 5.26 20.50 -4.01
CA MET B 19 5.56 21.24 -2.80
C MET B 19 6.94 21.88 -2.87
N TYR B 20 7.06 23.04 -2.22
CA TYR B 20 8.22 23.90 -2.29
C TYR B 20 8.63 24.35 -0.90
N ILE B 21 9.93 24.52 -0.69
CA ILE B 21 10.42 25.11 0.55
C ILE B 21 9.93 26.55 0.62
N ARG B 22 9.29 26.91 1.74
CA ARG B 22 8.67 28.22 1.85
C ARG B 22 8.79 28.75 3.27
N ASN B 23 8.81 30.08 3.36
CA ASN B 23 8.70 30.77 4.64
C ASN B 23 7.28 30.61 5.15
N ALA B 24 7.15 30.03 6.34
CA ALA B 24 5.84 29.83 6.98
C ALA B 24 5.91 30.54 8.32
N ASN B 25 5.65 31.85 8.29
CA ASN B 25 5.74 32.70 9.50
C ASN B 25 7.08 32.53 10.21
N PHE B 26 8.13 32.37 9.43
CA PHE B 26 9.52 32.28 9.83
C PHE B 26 9.93 30.90 10.28
N ASP B 27 8.98 29.99 10.45
CA ASP B 27 9.32 28.59 10.38
C ASP B 27 9.56 28.27 8.90
N VAL B 28 9.95 27.04 8.60
CA VAL B 28 10.31 26.67 7.25
C VAL B 28 9.66 25.33 6.94
N ARG B 29 8.85 25.29 5.89
CA ARG B 29 8.07 24.11 5.56
CA ARG B 29 8.02 24.15 5.55
C ARG B 29 8.14 23.86 4.06
N ILE B 30 7.70 22.67 3.66
CA ILE B 30 7.30 22.46 2.26
C ILE B 30 5.79 22.51 2.19
N ASP B 31 5.27 23.13 1.14
CA ASP B 31 3.82 23.28 0.99
CA ASP B 31 3.82 23.31 0.99
C ASP B 31 3.50 23.36 -0.49
N ASP B 32 2.29 22.92 -0.84
CA ASP B 32 1.73 23.22 -2.16
C ASP B 32 0.90 24.50 -2.08
N ASN B 33 0.52 25.01 -3.25
CA ASN B 33 -0.39 26.16 -3.33
C ASN B 33 0.13 27.32 -2.49
N VAL B 34 1.42 27.61 -2.63
CA VAL B 34 2.07 28.55 -1.72
C VAL B 34 1.52 29.96 -1.93
N THR B 35 0.98 30.55 -0.87
CA THR B 35 0.36 31.86 -0.92
C THR B 35 0.87 32.66 0.27
N PRO B 36 1.46 33.85 0.07
CA PRO B 36 1.77 34.42 -1.24
C PRO B 36 2.91 33.65 -1.90
N GLU B 37 2.96 33.68 -3.23
CA GLU B 37 3.96 32.89 -3.94
C GLU B 37 5.38 33.28 -3.58
N THR B 38 5.59 34.54 -3.17
CA THR B 38 6.93 34.98 -2.82
C THR B 38 7.48 34.23 -1.60
N ASP B 39 6.63 33.61 -0.79
CA ASP B 39 7.13 32.81 0.33
C ASP B 39 8.01 31.66 -0.14
N ALA B 40 7.86 31.22 -1.39
CA ALA B 40 8.65 30.14 -1.95
C ALA B 40 9.79 30.63 -2.84
N GLN B 41 10.08 31.92 -2.84
CA GLN B 41 11.15 32.47 -3.68
C GLN B 41 12.38 32.76 -2.83
N TRP B 42 13.53 32.28 -3.29
CA TRP B 42 14.79 32.39 -2.58
C TRP B 42 15.85 32.94 -3.52
N VAL B 43 16.89 33.51 -2.94
CA VAL B 43 18.10 33.89 -3.68
C VAL B 43 19.24 33.04 -3.13
N LEU B 44 19.83 32.21 -3.98
CA LEU B 44 21.02 31.47 -3.60
C LEU B 44 22.24 32.38 -3.76
N VAL B 45 22.92 32.68 -2.67
CA VAL B 45 24.06 33.60 -2.68
C VAL B 45 25.28 32.82 -2.23
N PRO B 46 26.49 33.34 -2.48
CA PRO B 46 27.69 32.68 -1.96
C PRO B 46 27.59 32.48 -0.45
N GLY B 47 28.08 31.34 0.02
CA GLY B 47 27.99 31.01 1.43
C GLY B 47 28.48 32.08 2.38
N LEU B 48 27.72 32.34 3.45
CA LEU B 48 28.12 33.33 4.43
C LEU B 48 29.39 32.92 5.16
N ALA B 49 29.59 31.64 5.38
CA ALA B 49 30.77 31.16 6.08
C ALA B 49 31.91 30.80 5.15
N ASN B 50 31.64 30.68 3.85
CA ASN B 50 32.64 30.34 2.85
C ASN B 50 31.99 30.59 1.50
N SER B 51 32.54 31.53 0.73
CA SER B 51 31.97 31.89 -0.56
C SER B 51 32.47 31.00 -1.70
N GLY B 52 33.29 30.00 -1.39
CA GLY B 52 33.93 29.19 -2.40
C GLY B 52 32.96 28.31 -3.15
N GLU B 53 33.53 27.57 -4.11
CA GLU B 53 32.74 26.74 -5.00
C GLU B 53 31.92 25.73 -4.23
N GLY B 54 30.62 25.70 -4.50
CA GLY B 54 29.73 24.76 -3.90
C GLY B 54 28.95 25.30 -2.72
N TYR B 55 29.52 26.23 -1.94
CA TYR B 55 28.89 26.70 -0.72
C TYR B 55 27.94 27.86 -0.98
N VAL B 56 26.71 27.74 -0.45
CA VAL B 56 25.68 28.76 -0.65
C VAL B 56 24.99 29.06 0.66
N SER B 57 24.36 30.22 0.70
CA SER B 57 23.35 30.56 1.70
C SER B 57 22.05 30.86 0.98
N ILE B 58 20.93 30.62 1.66
CA ILE B 58 19.62 30.64 1.03
C ILE B 58 18.86 31.82 1.63
N GLN B 59 18.75 32.90 0.85
CA GLN B 59 18.21 34.16 1.33
C GLN B 59 16.76 34.35 0.87
N SER B 60 15.95 34.88 1.77
CA SER B 60 14.57 35.22 1.43
C SER B 60 14.53 36.39 0.46
N VAL B 61 13.63 36.30 -0.52
CA VAL B 61 13.43 37.41 -1.46
C VAL B 61 12.66 38.55 -0.80
N ASP B 62 11.64 38.21 0.00
CA ASP B 62 10.81 39.22 0.66
C ASP B 62 11.52 39.87 1.83
N HIS B 63 12.44 39.14 2.47
CA HIS B 63 13.09 39.59 3.69
C HIS B 63 14.60 39.57 3.44
N LEU B 64 15.08 40.61 2.77
CA LEU B 64 16.51 40.78 2.51
C LEU B 64 17.30 40.69 3.81
N GLY B 65 18.41 39.96 3.77
CA GLY B 65 19.23 39.77 4.93
C GLY B 65 18.78 38.68 5.88
N TYR B 66 17.67 37.99 5.57
CA TYR B 66 17.22 36.81 6.32
C TYR B 66 17.57 35.56 5.52
N TYR B 67 18.05 34.54 6.22
CA TYR B 67 18.53 33.31 5.59
C TYR B 67 17.99 32.10 6.32
N LEU B 68 17.92 30.99 5.59
CA LEU B 68 17.62 29.71 6.22
C LEU B 68 18.79 29.33 7.13
N ARG B 69 18.48 29.08 8.40
CA ARG B 69 19.48 28.82 9.43
C ARG B 69 18.99 27.66 10.26
N HIS B 70 19.83 26.64 10.42
CA HIS B 70 19.44 25.50 11.25
C HIS B 70 19.69 25.80 12.72
N TRP B 71 18.78 25.32 13.57
CA TRP B 71 18.82 25.61 15.00
C TRP B 71 18.13 24.46 15.71
N ASN B 72 18.88 23.71 16.50
CA ASN B 72 18.30 22.59 17.25
C ASN B 72 17.68 21.57 16.31
N TYR B 73 18.25 21.42 15.11
CA TYR B 73 17.91 20.47 14.06
C TYR B 73 16.65 20.87 13.27
N ASP B 74 15.94 21.91 13.67
CA ASP B 74 14.88 22.47 12.85
C ASP B 74 15.45 23.67 12.11
N PHE B 75 14.65 24.24 11.22
CA PHE B 75 15.06 25.40 10.47
C PHE B 75 14.25 26.63 10.87
N ARG B 76 14.90 27.78 10.78
CA ARG B 76 14.16 29.03 10.84
C ARG B 76 14.69 29.96 9.75
N LEU B 77 13.86 30.93 9.39
CA LEU B 77 14.28 32.03 8.53
C LEU B 77 14.60 33.19 9.45
N GLU B 78 15.86 33.62 9.45
CA GLU B 78 16.34 34.52 10.50
C GLU B 78 17.27 35.57 9.93
N LYS B 79 17.18 36.78 10.46
CA LYS B 79 18.05 37.86 10.02
C LYS B 79 19.49 37.62 10.48
N ASN B 80 20.44 37.75 9.54
CA ASN B 80 21.85 37.60 9.87
C ASN B 80 22.24 38.58 10.96
N ASP B 81 22.86 38.07 12.03
CA ASP B 81 23.29 38.90 13.16
C ASP B 81 24.79 39.16 13.14
N GLY B 82 25.49 38.75 12.10
CA GLY B 82 26.91 38.98 12.00
C GLY B 82 27.79 38.00 12.74
N THR B 83 27.22 37.06 13.48
CA THR B 83 28.04 36.14 14.26
C THR B 83 28.54 34.98 13.41
N ARG B 84 29.67 34.41 13.83
CA ARG B 84 30.22 33.27 13.10
C ARG B 84 29.27 32.07 13.14
N ILE B 85 28.64 31.84 14.30
CA ILE B 85 27.72 30.70 14.41
CA ILE B 85 27.73 30.70 14.40
C ILE B 85 26.55 30.85 13.45
N PHE B 86 26.01 32.06 13.32
CA PHE B 86 24.94 32.27 12.34
C PHE B 86 25.43 31.89 10.95
N ALA B 87 26.58 32.43 10.55
CA ALA B 87 27.08 32.16 9.20
C ALA B 87 27.24 30.67 8.97
N GLU B 88 27.78 29.94 9.96
CA GLU B 88 28.01 28.52 9.77
C GLU B 88 26.71 27.73 9.75
N ASP B 89 25.73 28.12 10.58
CA ASP B 89 24.42 27.49 10.60
C ASP B 89 23.60 27.83 9.37
N ALA B 90 24.05 28.79 8.55
CA ALA B 90 23.32 29.27 7.38
C ALA B 90 24.07 29.04 6.08
N THR B 91 25.07 28.15 6.09
CA THR B 91 25.85 27.85 4.90
C THR B 91 25.74 26.36 4.60
N PHE B 92 25.59 26.03 3.32
CA PHE B 92 25.38 24.66 2.88
C PHE B 92 26.14 24.43 1.59
N LYS B 93 26.69 23.24 1.44
CA LYS B 93 27.30 22.85 0.18
C LYS B 93 26.25 22.22 -0.71
N MET B 94 26.14 22.70 -1.94
CA MET B 94 25.26 22.07 -2.92
C MET B 94 25.96 20.85 -3.50
N VAL B 95 25.36 19.69 -3.32
CA VAL B 95 25.97 18.43 -3.75
C VAL B 95 24.96 17.69 -4.61
N PRO B 96 25.40 16.69 -5.38
CA PRO B 96 24.45 15.88 -6.14
C PRO B 96 23.36 15.29 -5.26
N GLY B 97 22.13 15.33 -5.76
CA GLY B 97 20.99 14.87 -4.98
C GLY B 97 21.16 13.47 -4.43
N LEU B 98 20.85 13.28 -3.15
CA LEU B 98 21.10 11.98 -2.52
C LEU B 98 20.23 10.89 -3.09
N ALA B 99 19.03 11.21 -3.55
CA ALA B 99 18.14 10.21 -4.16
C ALA B 99 18.31 10.12 -5.67
N ASP B 100 18.95 11.11 -6.28
CA ASP B 100 19.13 11.20 -7.73
C ASP B 100 20.16 12.29 -7.95
N PRO B 101 21.36 11.95 -8.47
CA PRO B 101 22.44 12.95 -8.54
C PRO B 101 22.19 14.08 -9.52
N SER B 102 21.17 13.98 -10.39
CA SER B 102 20.80 15.10 -11.23
C SER B 102 20.02 16.17 -10.49
N TYR B 103 19.51 15.85 -9.30
CA TYR B 103 18.87 16.81 -8.42
C TYR B 103 19.91 17.38 -7.45
N THR B 104 19.46 18.06 -6.40
CA THR B 104 20.36 18.77 -5.50
C THR B 104 20.06 18.40 -4.06
N SER B 105 21.14 18.22 -3.28
CA SER B 105 21.03 18.16 -1.83
C SER B 105 21.91 19.24 -1.22
N PHE B 106 21.60 19.59 0.03
CA PHE B 106 22.25 20.69 0.73
C PHE B 106 22.91 20.14 1.98
N GLN B 107 24.24 20.07 1.97
CA GLN B 107 25.02 19.53 3.08
C GLN B 107 25.43 20.67 4.00
N SER B 108 25.24 20.48 5.31
CA SER B 108 25.59 21.53 6.25
C SER B 108 27.10 21.81 6.26
N TYR B 109 27.44 23.10 6.30
CA TYR B 109 28.83 23.54 6.42
C TYR B 109 29.47 23.04 7.71
N ASN B 110 28.81 23.24 8.85
CA ASN B 110 29.41 22.89 10.13
C ASN B 110 29.16 21.45 10.56
N TYR B 111 28.17 20.78 9.98
CA TYR B 111 27.86 19.38 10.29
C TYR B 111 27.74 18.63 8.98
N PRO B 112 28.87 18.31 8.33
CA PRO B 112 28.83 17.85 6.94
C PRO B 112 28.27 16.45 6.74
N THR B 113 27.94 15.73 7.80
CA THR B 113 27.17 14.49 7.68
C THR B 113 25.67 14.74 7.70
N ARG B 114 25.24 15.99 7.80
CA ARG B 114 23.83 16.32 7.91
C ARG B 114 23.39 17.14 6.70
N TYR B 115 22.11 16.97 6.35
CA TYR B 115 21.54 17.54 5.14
C TYR B 115 20.17 18.15 5.44
N ILE B 116 19.82 19.15 4.63
CA ILE B 116 18.46 19.69 4.69
C ILE B 116 17.48 18.62 4.22
N ARG B 117 16.42 18.39 4.99
CA ARG B 117 15.41 17.41 4.63
C ARG B 117 14.07 17.87 5.20
N HIS B 118 12.98 17.40 4.60
CA HIS B 118 11.67 17.66 5.19
C HIS B 118 11.17 16.40 5.90
N TYR B 119 10.41 16.62 6.97
CA TYR B 119 9.68 15.55 7.62
C TYR B 119 8.46 16.17 8.28
N ASN B 120 7.29 15.55 8.08
CA ASN B 120 6.02 16.15 8.49
CA ASN B 120 6.03 16.15 8.51
C ASN B 120 5.88 17.55 7.93
N TYR B 121 6.39 17.75 6.72
CA TYR B 121 6.37 18.99 5.96
C TYR B 121 7.20 20.11 6.57
N LEU B 122 8.01 19.83 7.57
CA LEU B 122 8.86 20.84 8.19
C LEU B 122 10.32 20.59 7.79
N LEU B 123 11.07 21.67 7.62
CA LEU B 123 12.46 21.55 7.18
C LEU B 123 13.38 21.36 8.38
N ARG B 124 14.24 20.34 8.28
CA ARG B 124 15.14 19.92 9.35
C ARG B 124 16.56 19.76 8.81
N LEU B 125 17.52 19.58 9.73
CA LEU B 125 18.90 19.23 9.38
C LEU B 125 19.23 17.90 10.04
N ASP B 126 19.24 16.83 9.26
CA ASP B 126 19.34 15.47 9.78
C ASP B 126 20.45 14.69 9.09
N GLU B 127 20.97 13.69 9.81
CA GLU B 127 21.71 12.64 9.13
C GLU B 127 20.77 11.83 8.26
N ILE B 128 21.31 11.28 7.18
CA ILE B 128 20.50 10.66 6.14
C ILE B 128 20.94 9.20 6.02
N VAL B 129 20.05 8.29 6.39
CA VAL B 129 20.37 6.86 6.48
C VAL B 129 19.60 6.06 5.43
N THR B 130 18.29 6.20 5.40
CA THR B 130 17.46 5.29 4.62
C THR B 130 17.17 5.88 3.24
N ALA B 131 16.64 5.01 2.37
CA ALA B 131 16.22 5.47 1.05
C ALA B 131 15.17 6.56 1.15
N LEU B 132 14.24 6.44 2.12
CA LEU B 132 13.25 7.49 2.33
C LEU B 132 13.90 8.78 2.82
N ASP B 133 14.85 8.69 3.75
CA ASP B 133 15.60 9.88 4.16
C ASP B 133 16.21 10.59 2.96
N ARG B 134 16.80 9.80 2.04
CA ARG B 134 17.44 10.42 0.87
CA ARG B 134 17.44 10.41 0.87
C ARG B 134 16.44 11.18 0.02
N GLU B 135 15.25 10.62 -0.17
CA GLU B 135 14.21 11.32 -0.93
C GLU B 135 13.80 12.61 -0.23
N ASP B 136 13.67 12.58 1.10
CA ASP B 136 13.31 13.77 1.87
C ASP B 136 14.39 14.84 1.82
N ALA B 137 15.62 14.49 1.43
CA ALA B 137 16.76 15.38 1.38
C ALA B 137 17.14 15.79 -0.03
N THR B 138 16.27 15.53 -1.01
CA THR B 138 16.58 15.82 -2.41
C THR B 138 15.59 16.86 -2.92
N PHE B 139 16.12 17.83 -3.66
CA PHE B 139 15.33 18.97 -4.12
C PHE B 139 15.71 19.31 -5.55
N ARG B 140 14.77 19.92 -6.27
CA ARG B 140 15.02 20.45 -7.60
C ARG B 140 15.12 21.96 -7.51
N VAL B 141 16.25 22.51 -7.94
CA VAL B 141 16.43 23.95 -7.99
C VAL B 141 15.86 24.43 -9.32
N ILE B 142 14.86 25.29 -9.25
CA ILE B 142 14.25 25.88 -10.45
C ILE B 142 14.66 27.34 -10.46
N ASP B 143 15.51 27.73 -11.41
CA ASP B 143 16.07 29.08 -11.43
C ASP B 143 15.96 29.71 -12.82
N SER B 144 16.68 30.80 -13.05
CA SER B 144 16.58 31.50 -14.33
C SER B 144 17.10 30.68 -15.50
N SER B 145 17.88 29.63 -15.24
CA SER B 145 18.37 28.75 -16.29
C SER B 145 17.37 27.65 -16.63
N SER B 146 16.30 27.51 -15.87
CA SER B 146 15.30 26.49 -16.13
C SER B 146 14.31 26.98 -17.20
N VAL B 147 13.69 26.02 -17.90
CA VAL B 147 12.68 26.38 -18.89
C VAL B 147 11.58 27.19 -18.23
N ASP B 148 11.21 28.30 -18.86
CA ASP B 148 10.18 29.20 -18.37
C ASP B 148 8.85 28.75 -18.96
N PRO B 149 7.90 28.26 -18.15
CA PRO B 149 6.62 27.79 -18.71
C PRO B 149 5.78 28.87 -19.37
N ASP B 150 6.11 30.15 -19.19
CA ASP B 150 5.36 31.23 -19.83
C ASP B 150 5.95 31.67 -21.16
N LYS B 151 7.07 31.08 -21.57
CA LYS B 151 7.74 31.45 -22.81
C LYS B 151 7.35 30.51 -23.94
N ALA B 152 6.92 31.07 -25.06
CA ALA B 152 6.52 30.27 -26.21
C ALA B 152 7.74 29.83 -27.01
N ASP B 153 7.62 28.67 -27.65
CA ASP B 153 8.66 28.15 -28.54
C ASP B 153 7.99 27.19 -29.50
N ASP B 154 8.27 27.32 -30.79
CA ASP B 154 7.72 26.37 -31.76
C ASP B 154 8.50 25.07 -31.84
N SER B 155 9.73 25.03 -31.34
CA SER B 155 10.49 23.78 -31.30
C SER B 155 10.07 22.98 -30.07
N VAL B 156 9.94 21.67 -30.26
CA VAL B 156 9.53 20.77 -29.18
C VAL B 156 10.72 19.86 -28.91
N ILE B 157 11.45 20.18 -27.84
CA ILE B 157 12.57 19.39 -27.37
C ILE B 157 12.28 19.12 -25.90
N VAL B 158 12.26 17.85 -25.51
CA VAL B 158 11.91 17.48 -24.14
C VAL B 158 13.03 16.63 -23.55
N THR B 159 13.06 16.60 -22.23
CA THR B 159 13.87 15.64 -21.49
C THR B 159 12.90 14.70 -20.81
N ASN B 160 12.91 13.43 -21.24
CA ASN B 160 12.05 12.45 -20.57
C ASN B 160 12.81 11.83 -19.41
N PRO B 161 12.17 11.64 -18.24
CA PRO B 161 10.76 11.95 -17.97
C PRO B 161 10.51 13.45 -17.81
N ILE B 162 9.41 13.93 -18.37
CA ILE B 162 9.04 15.33 -18.23
C ILE B 162 8.54 15.62 -16.81
N VAL B 163 7.69 14.77 -16.27
CA VAL B 163 7.20 14.92 -14.90
C VAL B 163 7.28 13.56 -14.23
N ARG B 164 8.12 13.44 -13.21
CA ARG B 164 8.22 12.18 -12.48
C ARG B 164 6.97 11.95 -11.64
N ARG B 165 6.65 10.66 -11.45
CA ARG B 165 5.61 10.25 -10.50
C ARG B 165 4.27 10.92 -10.77
N ARG B 166 3.91 11.00 -12.05
CA ARG B 166 2.56 11.38 -12.47
C ARG B 166 2.11 10.38 -13.51
N ALA B 167 1.01 9.69 -13.22
CA ALA B 167 0.47 8.67 -14.11
C ALA B 167 -0.76 9.22 -14.82
N ASP B 168 -1.18 8.51 -15.87
CA ASP B 168 -2.36 8.87 -16.64
C ASP B 168 -2.29 10.33 -17.10
N PRO B 169 -1.19 10.74 -17.74
CA PRO B 169 -1.02 12.17 -18.03
C PRO B 169 -1.96 12.64 -19.14
N TRP B 170 -2.73 13.67 -18.84
CA TRP B 170 -3.65 14.29 -19.78
C TRP B 170 -3.11 15.67 -20.11
N VAL B 171 -2.77 15.91 -21.36
CA VAL B 171 -2.27 17.20 -21.82
C VAL B 171 -3.22 17.75 -22.87
N TYR B 172 -3.76 18.94 -22.61
N TYR B 172 -3.62 19.01 -22.68
CA TYR B 172 -4.68 19.62 -23.53
CA TYR B 172 -4.65 19.66 -23.46
C TYR B 172 -4.06 20.94 -23.94
C TYR B 172 -4.09 20.99 -23.93
N ARG B 173 -3.88 21.13 -25.24
CA ARG B 173 -3.40 22.38 -25.81
C ARG B 173 -4.60 23.28 -26.04
N HIS B 174 -4.70 24.35 -25.26
CA HIS B 174 -5.81 25.28 -25.35
C HIS B 174 -5.48 26.42 -26.32
N THR B 175 -6.51 27.18 -26.68
CA THR B 175 -6.39 28.24 -27.66
C THR B 175 -5.74 29.50 -27.11
N ASP B 176 -5.29 29.48 -25.85
CA ASP B 176 -4.58 30.60 -25.25
C ASP B 176 -3.07 30.45 -25.36
N GLY B 177 -2.58 29.44 -26.08
CA GLY B 177 -1.15 29.24 -26.18
C GLY B 177 -0.53 28.48 -25.03
N TYR B 178 -1.34 27.82 -24.21
CA TYR B 178 -0.84 26.98 -23.12
C TYR B 178 -1.30 25.54 -23.28
N TYR B 179 -0.40 24.62 -22.96
CA TYR B 179 -0.80 23.26 -22.60
C TYR B 179 -1.21 23.22 -21.13
N TYR B 180 -2.31 22.53 -20.87
CA TYR B 180 -2.78 22.26 -19.51
C TYR B 180 -2.61 20.78 -19.24
N MET B 181 -2.06 20.44 -18.07
CA MET B 181 -1.82 19.04 -17.74
C MET B 181 -2.46 18.68 -16.40
N THR B 182 -3.23 17.59 -16.42
CA THR B 182 -3.72 16.92 -15.23
C THR B 182 -3.23 15.47 -15.29
N ALA B 183 -3.23 14.80 -14.13
CA ALA B 183 -2.68 13.45 -14.04
C ALA B 183 -3.12 12.83 -12.73
N SER B 184 -2.98 11.52 -12.61
CA SER B 184 -3.15 10.87 -11.31
C SER B 184 -1.88 11.07 -10.49
N VAL B 185 -2.05 11.49 -9.23
CA VAL B 185 -0.92 11.62 -8.31
C VAL B 185 -0.76 10.32 -7.52
N PRO B 186 0.43 10.01 -7.00
CA PRO B 186 0.65 8.66 -6.42
C PRO B 186 -0.26 8.31 -5.26
N GLU B 187 -0.72 9.32 -4.49
CA GLU B 187 -1.61 9.08 -3.36
C GLU B 187 -3.07 8.97 -3.79
N TYR B 188 -3.37 9.29 -5.05
CA TYR B 188 -4.73 9.20 -5.58
C TYR B 188 -5.73 9.95 -4.70
N ASP B 189 -5.35 11.14 -4.23
CA ASP B 189 -6.17 11.82 -3.23
C ASP B 189 -6.54 13.25 -3.61
N ARG B 190 -6.21 13.70 -4.81
CA ARG B 190 -6.40 15.10 -5.17
C ARG B 190 -6.30 15.23 -6.68
N ILE B 191 -6.73 16.39 -7.18
CA ILE B 191 -6.64 16.78 -8.59
C ILE B 191 -5.64 17.93 -8.70
N GLU B 192 -4.60 17.72 -9.49
CA GLU B 192 -3.52 18.66 -9.71
C GLU B 192 -3.55 19.18 -11.15
N LEU B 193 -3.34 20.49 -11.31
CA LEU B 193 -3.31 21.13 -12.61
C LEU B 193 -2.03 21.96 -12.75
N ARG B 194 -1.46 21.95 -13.94
CA ARG B 194 -0.34 22.84 -14.26
C ARG B 194 -0.48 23.29 -15.71
N ARG B 195 0.25 24.33 -16.08
CA ARG B 195 0.25 24.77 -17.48
C ARG B 195 1.62 25.25 -17.91
N SER B 196 1.84 25.21 -19.23
CA SER B 196 3.10 25.63 -19.81
C SER B 196 2.89 25.86 -21.29
N ARG B 197 3.60 26.84 -21.85
CA ARG B 197 3.50 27.09 -23.29
C ARG B 197 4.24 26.05 -24.12
N THR B 198 5.16 25.31 -23.50
CA THR B 198 5.89 24.23 -24.15
C THR B 198 5.74 22.96 -23.34
N LEU B 199 5.86 21.81 -24.00
CA LEU B 199 5.82 20.56 -23.23
C LEU B 199 6.94 20.49 -22.22
N GLN B 200 8.16 20.93 -22.59
CA GLN B 200 9.26 20.82 -21.65
C GLN B 200 9.00 21.66 -20.40
N GLY B 201 8.36 22.82 -20.55
CA GLY B 201 8.05 23.64 -19.40
C GLY B 201 7.06 23.02 -18.43
N LEU B 202 6.36 21.96 -18.82
CA LEU B 202 5.53 21.27 -17.82
C LEU B 202 6.39 20.73 -16.69
N SER B 203 7.67 20.45 -16.97
CA SER B 203 8.57 19.94 -15.95
CA SER B 203 8.57 19.94 -15.95
C SER B 203 8.80 20.95 -14.83
N THR B 204 8.88 22.24 -15.18
CA THR B 204 9.23 23.29 -14.24
C THR B 204 8.04 24.13 -13.80
N ALA B 205 6.87 23.92 -14.39
CA ALA B 205 5.68 24.69 -14.03
C ALA B 205 5.30 24.42 -12.58
N THR B 206 4.77 25.45 -11.92
CA THR B 206 4.28 25.29 -10.56
C THR B 206 2.88 24.69 -10.61
N PRO B 207 2.67 23.47 -10.14
CA PRO B 207 1.32 22.89 -10.16
C PRO B 207 0.48 23.48 -9.04
N LYS B 208 -0.83 23.38 -9.22
CA LYS B 208 -1.79 23.75 -8.19
C LYS B 208 -2.66 22.56 -7.88
N THR B 209 -2.87 22.31 -6.59
CA THR B 209 -3.90 21.36 -6.17
C THR B 209 -5.23 22.09 -6.24
N ILE B 210 -6.08 21.72 -7.20
CA ILE B 210 -7.34 22.45 -7.37
C ILE B 210 -8.50 21.80 -6.63
N TRP B 211 -8.34 20.57 -6.15
CA TRP B 211 -9.43 19.87 -5.48
C TRP B 211 -8.83 18.71 -4.70
N ARG B 212 -9.32 18.50 -3.48
CA ARG B 212 -8.91 17.38 -2.65
CA ARG B 212 -8.91 17.38 -2.65
C ARG B 212 -10.12 16.52 -2.31
N ARG B 213 -9.87 15.23 -2.13
CA ARG B 213 -10.99 14.31 -1.92
C ARG B 213 -11.71 14.58 -0.60
N HIS B 214 -12.95 14.13 -0.56
CA HIS B 214 -13.78 14.28 0.63
C HIS B 214 -13.30 13.37 1.75
N SER B 215 -13.53 13.81 2.99
CA SER B 215 -13.08 13.03 4.13
C SER B 215 -13.90 11.77 4.34
N SER B 216 -15.13 11.72 3.83
CA SER B 216 -15.95 10.53 3.94
C SER B 216 -16.98 10.53 2.82
N GLY B 217 -17.46 9.33 2.48
CA GLY B 217 -18.57 9.23 1.55
C GLY B 217 -18.10 9.22 0.10
N ILE B 218 -19.01 9.64 -0.78
CA ILE B 218 -18.70 9.70 -2.20
C ILE B 218 -17.55 10.68 -2.43
N MET B 219 -16.80 10.47 -3.49
CA MET B 219 -15.60 11.25 -3.80
C MET B 219 -14.58 11.22 -2.67
N GLY B 220 -14.60 10.15 -1.86
CA GLY B 220 -13.70 10.01 -0.73
C GLY B 220 -12.75 8.84 -0.81
N GLY B 221 -12.74 8.13 -1.93
CA GLY B 221 -11.87 7.01 -2.19
C GLY B 221 -10.71 7.38 -3.10
N HIS B 222 -10.30 6.44 -3.95
CA HIS B 222 -9.24 6.74 -4.90
C HIS B 222 -9.72 7.78 -5.90
N ILE B 223 -8.83 8.71 -6.25
CA ILE B 223 -9.08 9.79 -7.19
C ILE B 223 -8.18 9.52 -8.39
N TRP B 224 -8.78 9.22 -9.55
CA TRP B 224 -8.04 8.68 -10.68
C TRP B 224 -8.27 9.46 -11.97
N ALA B 225 -7.17 9.67 -12.69
CA ALA B 225 -7.16 10.03 -14.10
C ALA B 225 -8.04 11.25 -14.47
N PRO B 226 -7.83 12.39 -13.83
CA PRO B 226 -8.60 13.58 -14.21
C PRO B 226 -8.16 14.10 -15.57
N GLU B 227 -9.12 14.64 -16.32
CA GLU B 227 -8.84 15.32 -17.59
C GLU B 227 -9.50 16.69 -17.60
N ILE B 228 -8.75 17.71 -17.98
CA ILE B 228 -9.30 19.06 -18.13
C ILE B 228 -9.64 19.33 -19.60
N HIS B 229 -10.86 19.83 -19.82
CA HIS B 229 -11.36 20.17 -21.14
C HIS B 229 -12.00 21.55 -21.08
N PHE B 230 -12.07 22.21 -22.23
CA PHE B 230 -12.74 23.50 -22.37
C PHE B 230 -13.91 23.29 -23.32
N ILE B 231 -15.13 23.46 -22.81
CA ILE B 231 -16.33 23.15 -23.58
C ILE B 231 -17.33 24.27 -23.36
N ASP B 232 -17.83 24.84 -24.46
CA ASP B 232 -18.90 25.84 -24.40
C ASP B 232 -18.54 27.00 -23.49
N GLY B 233 -17.28 27.43 -23.57
CA GLY B 233 -16.83 28.60 -22.82
C GLY B 233 -16.48 28.37 -21.38
N LYS B 234 -16.48 27.13 -20.90
CA LYS B 234 -16.17 26.83 -19.51
C LYS B 234 -15.21 25.67 -19.42
N TRP B 235 -14.52 25.58 -18.28
CA TRP B 235 -13.58 24.50 -18.03
C TRP B 235 -14.27 23.38 -17.28
N TYR B 236 -13.92 22.14 -17.64
CA TYR B 236 -14.45 20.96 -16.97
C TYR B 236 -13.32 20.02 -16.62
N ILE B 237 -13.41 19.39 -15.46
CA ILE B 237 -12.57 18.23 -15.17
C ILE B 237 -13.46 17.01 -15.03
N TYR B 238 -13.19 16.01 -15.85
CA TYR B 238 -13.80 14.68 -15.72
C TYR B 238 -12.81 13.81 -14.96
N PHE B 239 -13.27 13.18 -13.88
CA PHE B 239 -12.38 12.34 -13.09
C PHE B 239 -13.15 11.14 -12.56
N SER B 240 -12.42 10.19 -11.99
CA SER B 240 -13.00 8.98 -11.44
C SER B 240 -12.72 8.97 -9.93
N ALA B 241 -13.73 8.61 -9.13
CA ALA B 241 -13.56 8.63 -7.69
C ALA B 241 -14.32 7.49 -7.04
N GLY B 242 -13.66 6.80 -6.12
CA GLY B 242 -14.30 5.84 -5.24
C GLY B 242 -14.85 6.52 -4.00
N THR B 243 -15.23 5.69 -3.02
CA THR B 243 -15.80 6.17 -1.76
C THR B 243 -14.86 5.85 -0.61
N SER B 244 -15.12 6.49 0.54
CA SER B 244 -14.27 6.26 1.69
C SER B 244 -14.42 4.85 2.27
N THR B 245 -15.59 4.22 2.10
CA THR B 245 -15.78 2.85 2.58
C THR B 245 -15.45 1.81 1.53
N ASN B 246 -15.28 2.23 0.28
CA ASN B 246 -14.79 1.32 -0.77
C ASN B 246 -14.03 2.20 -1.76
N TYR B 247 -12.71 2.24 -1.60
CA TYR B 247 -11.87 3.08 -2.44
C TYR B 247 -11.99 2.74 -3.91
N PHE B 248 -12.44 1.52 -4.23
CA PHE B 248 -12.52 1.04 -5.61
C PHE B 248 -13.94 1.03 -6.17
N ASP B 249 -14.91 1.57 -5.42
CA ASP B 249 -16.29 1.66 -5.90
C ASP B 249 -16.42 2.96 -6.70
N ILE B 250 -15.88 2.92 -7.90
CA ILE B 250 -15.48 4.13 -8.63
C ILE B 250 -16.55 4.50 -9.65
N ARG B 251 -16.85 5.79 -9.74
CA ARG B 251 -17.76 6.36 -10.72
C ARG B 251 -17.12 7.61 -11.30
N LEU B 252 -17.75 8.13 -12.36
CA LEU B 252 -17.30 9.38 -12.99
C LEU B 252 -17.90 10.59 -12.30
N TYR B 253 -17.08 11.63 -12.07
CA TYR B 253 -17.51 12.89 -11.49
C TYR B 253 -17.00 14.05 -12.33
N VAL B 254 -17.65 15.21 -12.18
CA VAL B 254 -17.31 16.40 -12.94
C VAL B 254 -17.11 17.58 -12.00
N LEU B 255 -16.06 18.37 -12.27
CA LEU B 255 -15.92 19.72 -11.73
C LEU B 255 -16.06 20.72 -12.86
N GLU B 256 -16.59 21.90 -12.54
CA GLU B 256 -16.78 22.97 -13.51
C GLU B 256 -16.14 24.25 -13.01
N CYS B 257 -15.45 24.95 -13.91
CA CYS B 257 -14.88 26.26 -13.60
C CYS B 257 -15.25 27.20 -14.74
N SER B 258 -16.17 28.12 -14.48
CA SER B 258 -16.50 29.10 -15.50
C SER B 258 -15.50 30.25 -15.54
N ASP B 259 -14.71 30.44 -14.48
CA ASP B 259 -13.75 31.52 -14.45
C ASP B 259 -12.72 31.37 -15.57
N SER B 260 -12.04 32.48 -15.85
CA SER B 260 -11.21 32.58 -17.05
C SER B 260 -9.98 31.67 -16.96
N ASN B 261 -9.27 31.72 -15.83
CA ASN B 261 -8.01 31.00 -15.66
C ASN B 261 -8.26 29.82 -14.75
N PRO B 262 -8.11 28.58 -15.22
CA PRO B 262 -8.43 27.42 -14.37
C PRO B 262 -7.45 27.21 -13.23
N LEU B 263 -6.28 27.87 -13.25
CA LEU B 263 -5.33 27.81 -12.14
C LEU B 263 -5.65 28.78 -11.03
N THR B 264 -6.47 29.80 -11.29
CA THR B 264 -6.85 30.73 -10.23
C THR B 264 -8.34 30.69 -9.94
N GLY B 265 -9.13 30.10 -10.83
CA GLY B 265 -10.57 30.18 -10.72
C GLY B 265 -11.14 29.21 -9.71
N THR B 266 -12.44 29.37 -9.47
CA THR B 266 -13.15 28.53 -8.52
C THR B 266 -13.74 27.32 -9.22
N TRP B 267 -13.44 26.14 -8.68
CA TRP B 267 -13.95 24.88 -9.20
C TRP B 267 -15.15 24.44 -8.36
N VAL B 268 -16.23 24.03 -9.03
CA VAL B 268 -17.47 23.66 -8.40
C VAL B 268 -17.78 22.20 -8.73
N GLU B 269 -18.14 21.42 -7.72
CA GLU B 269 -18.54 20.04 -7.95
C GLU B 269 -19.91 20.00 -8.63
N LYS B 270 -20.02 19.22 -9.71
CA LYS B 270 -21.28 19.03 -10.39
C LYS B 270 -21.87 17.64 -10.16
N GLY B 271 -21.18 16.78 -9.43
CA GLY B 271 -21.71 15.48 -9.11
C GLY B 271 -21.31 14.40 -10.10
N GLN B 272 -22.00 13.27 -9.97
CA GLN B 272 -21.69 12.08 -10.77
C GLN B 272 -22.19 12.24 -12.19
N LEU B 273 -21.34 11.88 -13.15
CA LEU B 273 -21.76 11.77 -14.55
C LEU B 273 -22.29 10.36 -14.72
N LYS B 274 -23.63 10.24 -14.77
CA LYS B 274 -24.27 8.94 -14.78
C LYS B 274 -24.21 8.32 -16.17
N THR B 275 -24.06 7.00 -16.21
CA THR B 275 -24.19 6.25 -17.46
C THR B 275 -25.39 5.31 -17.39
N ASN B 276 -25.47 4.33 -18.29
CA ASN B 276 -26.71 3.55 -18.40
C ASN B 276 -26.95 2.63 -17.22
N TRP B 277 -25.91 2.28 -16.46
CA TRP B 277 -26.09 1.45 -15.27
C TRP B 277 -24.98 1.76 -14.29
N GLU B 278 -25.18 1.39 -13.03
CA GLU B 278 -24.21 1.66 -11.98
C GLU B 278 -23.24 0.49 -11.84
N SER B 279 -21.96 0.78 -12.00
CA SER B 279 -20.89 -0.20 -11.81
C SER B 279 -19.58 0.58 -11.83
N PHE B 280 -18.48 -0.12 -11.62
CA PHE B 280 -17.13 0.41 -11.76
C PHE B 280 -16.99 1.14 -13.10
N THR B 281 -16.79 2.46 -13.05
CA THR B 281 -16.77 3.33 -14.24
C THR B 281 -15.63 4.33 -14.07
N LEU B 282 -14.80 4.48 -15.11
CA LEU B 282 -13.57 5.26 -14.96
C LEU B 282 -13.03 5.74 -16.31
N ASP B 283 -12.04 6.63 -16.23
CA ASP B 283 -11.17 6.99 -17.35
C ASP B 283 -11.93 7.67 -18.49
N ALA B 284 -12.92 8.50 -18.17
CA ALA B 284 -13.66 9.21 -19.21
C ALA B 284 -12.79 10.22 -19.95
N THR B 285 -13.01 10.32 -21.25
CA THR B 285 -12.52 11.41 -22.07
C THR B 285 -13.66 11.87 -22.96
N THR B 286 -13.46 12.98 -23.65
CA THR B 286 -14.50 13.50 -24.53
C THR B 286 -13.84 14.11 -25.76
N PHE B 287 -14.58 14.10 -26.86
CA PHE B 287 -14.13 14.71 -28.10
C PHE B 287 -15.34 15.17 -28.86
N GLU B 288 -15.11 16.07 -29.81
CA GLU B 288 -16.15 16.59 -30.68
C GLU B 288 -15.82 16.21 -32.12
N HIS B 289 -16.85 15.94 -32.91
CA HIS B 289 -16.65 15.71 -34.34
C HIS B 289 -17.89 16.19 -35.08
N ASN B 290 -17.70 17.16 -35.97
CA ASN B 290 -18.78 17.64 -36.84
C ASN B 290 -20.00 18.11 -36.05
N GLY B 291 -19.77 18.76 -34.91
CA GLY B 291 -20.87 19.32 -34.15
C GLY B 291 -21.51 18.40 -33.13
N THR B 292 -21.04 17.16 -33.00
CA THR B 292 -21.52 16.26 -31.96
C THR B 292 -20.39 15.98 -30.98
N ARG B 293 -20.68 16.08 -29.70
CA ARG B 293 -19.73 15.73 -28.66
C ARG B 293 -20.03 14.32 -28.16
N TYR B 294 -18.98 13.55 -27.90
CA TYR B 294 -19.09 12.20 -27.39
C TYR B 294 -18.29 12.05 -26.10
N LEU B 295 -18.75 11.15 -25.24
CA LEU B 295 -17.97 10.66 -24.11
C LEU B 295 -17.48 9.27 -24.47
N VAL B 296 -16.22 8.98 -24.11
CA VAL B 296 -15.61 7.67 -24.29
C VAL B 296 -15.01 7.29 -22.95
N TRP B 297 -15.32 6.09 -22.45
CA TRP B 297 -14.92 5.77 -21.09
C TRP B 297 -14.79 4.26 -20.93
N ALA B 298 -14.37 3.85 -19.74
CA ALA B 298 -14.24 2.45 -19.39
C ALA B 298 -15.26 2.11 -18.31
N GLN B 299 -15.91 0.96 -18.44
CA GLN B 299 -16.92 0.56 -17.48
C GLN B 299 -17.05 -0.96 -17.41
N LYS B 300 -17.32 -1.45 -16.21
CA LYS B 300 -17.63 -2.86 -15.99
C LYS B 300 -19.05 -3.18 -16.43
N ASP B 301 -19.18 -4.22 -17.25
CA ASP B 301 -20.49 -4.83 -17.52
C ASP B 301 -20.56 -6.10 -16.69
N PRO B 302 -21.52 -6.23 -15.76
CA PRO B 302 -21.60 -7.46 -14.97
C PRO B 302 -21.74 -8.73 -15.79
N LYS B 303 -22.19 -8.63 -17.04
CA LYS B 303 -22.37 -9.80 -17.89
C LYS B 303 -21.10 -10.21 -18.62
N ILE B 304 -20.01 -9.45 -18.50
CA ILE B 304 -18.76 -9.73 -19.20
C ILE B 304 -17.64 -9.84 -18.18
N ALA B 305 -16.86 -10.92 -18.29
N ALA B 305 -16.79 -10.85 -18.31
CA ALA B 305 -15.77 -11.23 -17.37
CA ALA B 305 -15.80 -11.13 -17.26
C ALA B 305 -14.51 -10.46 -17.76
C ALA B 305 -14.81 -9.97 -17.04
N SER B 306 -14.65 -9.14 -17.74
N SER B 306 -14.52 -9.19 -18.08
CA SER B 306 -13.55 -8.23 -17.89
CA SER B 306 -13.49 -8.17 -18.02
C SER B 306 -13.72 -7.15 -16.83
C SER B 306 -13.72 -7.17 -16.88
N ASN B 307 -12.61 -6.59 -16.39
CA ASN B 307 -12.71 -5.50 -15.41
C ASN B 307 -13.43 -4.30 -15.98
N SER B 308 -13.20 -4.00 -17.27
CA SER B 308 -13.86 -2.89 -17.91
C SER B 308 -13.72 -3.02 -19.42
N ASN B 309 -14.69 -2.45 -20.13
CA ASN B 309 -14.73 -2.36 -21.58
C ASN B 309 -14.78 -0.88 -21.96
N ILE B 310 -14.50 -0.59 -23.23
CA ILE B 310 -14.58 0.78 -23.74
C ILE B 310 -15.98 1.03 -24.30
N TYR B 311 -16.58 2.14 -23.87
CA TYR B 311 -17.89 2.59 -24.33
C TYR B 311 -17.81 3.99 -24.92
N ILE B 312 -18.75 4.28 -25.81
CA ILE B 312 -18.95 5.62 -26.38
C ILE B 312 -20.44 5.94 -26.31
N ALA B 313 -20.74 7.22 -26.14
CA ALA B 313 -22.12 7.70 -26.18
C ALA B 313 -22.09 9.16 -26.59
N LYS B 314 -23.18 9.61 -27.20
CA LYS B 314 -23.35 11.03 -27.47
C LYS B 314 -23.58 11.76 -26.16
N MET B 315 -23.06 12.98 -26.06
CA MET B 315 -23.30 13.84 -24.93
C MET B 315 -24.41 14.84 -25.21
N ASN B 316 -25.09 15.24 -24.14
CA ASN B 316 -26.08 16.31 -24.16
C ASN B 316 -25.52 17.43 -23.29
N GLY B 317 -24.60 18.20 -23.87
CA GLY B 317 -23.83 19.15 -23.11
C GLY B 317 -22.75 18.45 -22.31
N PRO B 318 -21.93 19.23 -21.60
CA PRO B 318 -20.74 18.66 -20.94
C PRO B 318 -21.02 17.85 -19.68
N LEU B 319 -22.26 17.82 -19.18
CA LEU B 319 -22.56 17.17 -17.92
C LEU B 319 -23.30 15.84 -18.03
N ALA B 320 -23.66 15.39 -19.23
CA ALA B 320 -24.49 14.20 -19.33
C ALA B 320 -24.31 13.51 -20.66
N ILE B 321 -24.53 12.20 -20.67
CA ILE B 321 -24.69 11.48 -21.92
C ILE B 321 -26.17 11.41 -22.24
N THR B 322 -26.49 11.02 -23.47
CA THR B 322 -27.87 10.75 -23.85
C THR B 322 -27.90 9.47 -24.65
N GLY B 323 -29.04 8.79 -24.61
CA GLY B 323 -29.15 7.55 -25.37
C GLY B 323 -28.40 6.40 -24.73
N ASN B 324 -28.19 5.36 -25.54
CA ASN B 324 -27.54 4.15 -25.07
C ASN B 324 -26.03 4.25 -25.23
N GLN B 325 -25.31 3.74 -24.23
CA GLN B 325 -23.88 3.57 -24.39
C GLN B 325 -23.60 2.34 -25.23
N VAL B 326 -22.53 2.41 -26.01
CA VAL B 326 -22.20 1.40 -27.01
C VAL B 326 -20.81 0.85 -26.70
N MET B 327 -20.72 -0.46 -26.52
CA MET B 327 -19.42 -1.07 -26.26
C MET B 327 -18.65 -1.19 -27.57
N ILE B 328 -17.48 -0.55 -27.63
CA ILE B 328 -16.68 -0.58 -28.84
C ILE B 328 -15.37 -1.33 -28.68
N SER B 329 -15.03 -1.75 -27.46
CA SER B 329 -13.90 -2.66 -27.30
C SER B 329 -14.08 -3.44 -26.01
N THR B 330 -13.71 -4.72 -26.06
CA THR B 330 -13.69 -5.58 -24.88
C THR B 330 -12.47 -6.49 -25.01
N PRO B 331 -11.86 -6.90 -23.90
CA PRO B 331 -10.66 -7.74 -24.03
C PRO B 331 -10.95 -9.04 -24.77
N GLU B 332 -10.13 -9.32 -25.77
CA GLU B 332 -10.26 -10.52 -26.59
C GLU B 332 -8.97 -11.27 -26.81
N TYR B 333 -7.82 -10.62 -26.66
CA TYR B 333 -6.52 -11.23 -26.93
C TYR B 333 -5.72 -11.37 -25.65
N SER B 334 -4.76 -12.29 -25.67
CA SER B 334 -4.00 -12.56 -24.45
C SER B 334 -3.23 -11.33 -23.96
N TRP B 335 -2.82 -10.45 -24.87
CA TRP B 335 -2.08 -9.27 -24.45
C TRP B 335 -2.95 -8.25 -23.73
N GLU B 336 -4.27 -8.43 -23.75
CA GLU B 336 -5.19 -7.58 -23.03
C GLU B 336 -5.57 -8.14 -21.68
N LYS B 337 -5.05 -9.33 -21.34
CA LYS B 337 -5.56 -10.09 -20.20
C LYS B 337 -4.46 -10.55 -19.26
N ILE B 338 -3.27 -9.96 -19.34
CA ILE B 338 -2.21 -10.34 -18.41
C ILE B 338 -2.55 -9.77 -17.05
N GLY B 339 -2.64 -10.64 -16.04
CA GLY B 339 -3.06 -10.27 -14.72
C GLY B 339 -4.56 -10.26 -14.65
N TYR B 340 -5.17 -9.34 -15.39
CA TYR B 340 -6.62 -9.38 -15.53
C TYR B 340 -7.00 -8.79 -16.88
N ALA B 341 -8.19 -9.15 -17.31
CA ALA B 341 -8.73 -8.68 -18.58
C ALA B 341 -9.28 -7.27 -18.40
N VAL B 342 -8.74 -6.32 -19.16
CA VAL B 342 -9.14 -4.93 -18.99
C VAL B 342 -8.88 -4.16 -20.28
N ASN B 343 -9.82 -3.29 -20.63
CA ASN B 343 -9.58 -2.19 -21.55
C ASN B 343 -9.94 -0.91 -20.80
N GLU B 344 -9.04 0.08 -20.80
CA GLU B 344 -9.27 1.31 -20.04
C GLU B 344 -8.51 2.45 -20.72
N GLY B 345 -8.51 3.62 -20.08
CA GLY B 345 -7.73 4.76 -20.54
C GLY B 345 -7.86 5.16 -22.02
N PRO B 346 -9.07 5.35 -22.51
CA PRO B 346 -9.22 5.75 -23.92
C PRO B 346 -8.68 7.15 -24.19
N ALA B 347 -8.14 7.33 -25.39
CA ALA B 347 -7.64 8.63 -25.83
C ALA B 347 -7.90 8.77 -27.32
N VAL B 348 -8.30 9.97 -27.76
CA VAL B 348 -8.81 10.18 -29.12
C VAL B 348 -7.81 11.00 -29.92
N LEU B 349 -7.63 10.60 -31.19
CA LEU B 349 -6.77 11.29 -32.14
C LEU B 349 -7.51 11.28 -33.47
N LYS B 350 -7.58 12.43 -34.14
CA LYS B 350 -8.27 12.55 -35.43
C LYS B 350 -7.25 12.88 -36.51
N LYS B 351 -7.25 12.10 -37.59
CA LYS B 351 -6.32 12.35 -38.68
C LYS B 351 -6.74 11.54 -39.90
N ASN B 352 -6.46 12.09 -41.09
CA ASN B 352 -6.52 11.32 -42.34
C ASN B 352 -7.90 10.70 -42.56
N GLY B 353 -8.95 11.46 -42.21
CA GLY B 353 -10.30 10.98 -42.40
C GLY B 353 -10.74 9.91 -41.44
N LYS B 354 -10.01 9.73 -40.33
CA LYS B 354 -10.30 8.67 -39.38
C LYS B 354 -10.38 9.23 -37.96
N ILE B 355 -11.06 8.48 -37.10
CA ILE B 355 -11.03 8.67 -35.66
C ILE B 355 -10.27 7.49 -35.09
N PHE B 356 -9.21 7.78 -34.34
CA PHE B 356 -8.41 6.77 -33.68
C PHE B 356 -8.63 6.87 -32.18
N ILE B 357 -8.87 5.75 -31.52
CA ILE B 357 -8.98 5.73 -30.07
C ILE B 357 -8.00 4.69 -29.56
N THR B 358 -6.94 5.14 -28.90
CA THR B 358 -6.10 4.19 -28.20
C THR B 358 -6.73 3.84 -26.87
N PHE B 359 -6.32 2.70 -26.32
CA PHE B 359 -6.76 2.28 -25.01
C PHE B 359 -5.63 1.48 -24.40
N SER B 360 -5.67 1.32 -23.09
CA SER B 360 -4.67 0.52 -22.37
C SER B 360 -5.29 -0.77 -21.88
N ALA B 361 -4.43 -1.79 -21.72
CA ALA B 361 -4.89 -3.13 -21.37
C ALA B 361 -3.84 -3.83 -20.52
N SER B 362 -4.28 -4.92 -19.88
CA SER B 362 -3.52 -5.71 -18.91
C SER B 362 -3.27 -4.93 -17.61
N ALA B 363 -2.62 -5.59 -16.65
CA ALA B 363 -2.32 -4.99 -15.36
C ALA B 363 -1.40 -3.77 -15.50
N THR B 364 -1.42 -2.91 -14.48
CA THR B 364 -0.63 -1.68 -14.46
C THR B 364 0.82 -1.90 -14.04
N ASP B 365 1.34 -3.11 -14.19
CA ASP B 365 2.77 -3.35 -14.01
C ASP B 365 3.47 -3.26 -15.37
N ALA B 366 4.59 -3.95 -15.56
CA ALA B 366 5.29 -3.86 -16.83
C ALA B 366 4.47 -4.42 -17.99
N ASN B 367 3.43 -5.20 -17.71
CA ASN B 367 2.59 -5.79 -18.75
C ASN B 367 1.63 -4.81 -19.39
N TYR B 368 1.47 -3.62 -18.81
CA TYR B 368 0.54 -2.64 -19.37
C TYR B 368 0.97 -2.31 -20.79
N CYS B 369 -0.01 -2.15 -21.67
CA CYS B 369 0.29 -1.82 -23.05
C CYS B 369 -0.96 -1.17 -23.65
N MET B 370 -0.84 -0.76 -24.92
CA MET B 370 -1.90 -0.04 -25.60
CA MET B 370 -1.93 -0.06 -25.57
C MET B 370 -2.35 -0.76 -26.86
N GLY B 371 -3.65 -0.68 -27.13
CA GLY B 371 -4.24 -1.09 -28.39
C GLY B 371 -4.85 0.11 -29.09
N LEU B 372 -5.38 -0.14 -30.29
CA LEU B 372 -5.91 0.92 -31.14
C LEU B 372 -7.27 0.51 -31.72
N LEU B 373 -8.24 1.43 -31.63
CA LEU B 373 -9.49 1.33 -32.36
C LEU B 373 -9.50 2.38 -33.46
N THR B 374 -9.97 2.00 -34.65
CA THR B 374 -10.01 2.90 -35.81
C THR B 374 -11.39 2.89 -36.44
N ALA B 375 -11.93 4.08 -36.71
CA ALA B 375 -13.18 4.21 -37.45
C ALA B 375 -12.99 5.28 -38.52
N SER B 376 -13.72 5.13 -39.63
CA SER B 376 -13.83 6.23 -40.57
C SER B 376 -14.57 7.39 -39.92
N ASP B 377 -14.12 8.61 -40.17
CA ASP B 377 -14.80 9.74 -39.54
C ASP B 377 -16.14 10.07 -40.19
N THR B 378 -16.53 9.34 -41.22
CA THR B 378 -17.87 9.45 -41.79
C THR B 378 -18.82 8.37 -41.30
N ALA B 379 -18.32 7.42 -40.48
CA ALA B 379 -19.14 6.31 -40.04
C ALA B 379 -19.98 6.70 -38.83
N ASN B 380 -20.97 5.86 -38.53
CA ASN B 380 -21.72 5.99 -37.29
C ASN B 380 -20.81 5.55 -36.15
N LEU B 381 -20.36 6.53 -35.36
CA LEU B 381 -19.43 6.21 -34.28
C LEU B 381 -20.09 5.47 -33.13
N LEU B 382 -21.42 5.42 -33.11
CA LEU B 382 -22.17 4.68 -32.10
C LEU B 382 -22.57 3.29 -32.57
N ASP B 383 -21.86 2.76 -33.57
CA ASP B 383 -22.08 1.41 -34.07
C ASP B 383 -20.79 0.64 -33.88
N PRO B 384 -20.80 -0.46 -33.11
CA PRO B 384 -19.56 -1.23 -32.93
C PRO B 384 -18.94 -1.68 -34.25
N LYS B 385 -19.75 -1.89 -35.28
CA LYS B 385 -19.25 -2.34 -36.57
C LYS B 385 -18.43 -1.27 -37.29
N SER B 386 -18.43 -0.03 -36.80
CA SER B 386 -17.58 1.01 -37.35
C SER B 386 -16.14 0.95 -36.84
N TRP B 387 -15.87 0.21 -35.77
CA TRP B 387 -14.62 0.27 -35.04
C TRP B 387 -13.82 -1.02 -35.23
N HIS B 388 -12.65 -0.90 -35.86
CA HIS B 388 -11.72 -2.00 -35.98
C HIS B 388 -10.71 -1.94 -34.84
N LYS B 389 -10.50 -3.07 -34.15
CA LYS B 389 -9.48 -3.17 -33.12
C LYS B 389 -8.22 -3.81 -33.71
N SER B 390 -7.10 -3.14 -33.55
CA SER B 390 -5.87 -3.74 -34.04
C SER B 390 -5.57 -5.02 -33.25
N PRO B 391 -5.12 -6.08 -33.93
CA PRO B 391 -5.02 -7.40 -33.28
C PRO B 391 -3.82 -7.54 -32.36
N ASN B 392 -2.84 -6.66 -32.43
CA ASN B 392 -1.67 -6.69 -31.58
C ASN B 392 -1.52 -5.36 -30.87
N PRO B 393 -0.75 -5.30 -29.77
CA PRO B 393 -0.49 -4.00 -29.13
C PRO B 393 0.11 -3.05 -30.14
N VAL B 394 -0.24 -1.77 -30.01
CA VAL B 394 0.34 -0.72 -30.83
C VAL B 394 1.43 0.04 -30.09
N PHE B 395 1.59 -0.18 -28.80
CA PHE B 395 2.64 0.46 -28.01
C PHE B 395 2.81 -0.39 -26.77
N GLN B 396 4.07 -0.70 -26.42
CA GLN B 396 4.31 -1.68 -25.36
C GLN B 396 5.73 -1.50 -24.83
N SER B 397 6.02 -2.24 -23.77
CA SER B 397 7.33 -2.22 -23.14
C SER B 397 8.48 -2.46 -24.12
N ASN B 398 9.63 -1.99 -23.78
CA ASN B 398 10.81 -2.19 -24.61
C ASN B 398 12.01 -2.27 -23.69
N PRO B 399 12.46 -3.47 -23.35
CA PRO B 399 13.65 -3.59 -22.51
C PRO B 399 14.85 -2.87 -23.09
N SER B 400 15.00 -2.86 -24.42
CA SER B 400 16.16 -2.22 -25.04
C SER B 400 16.17 -0.71 -24.92
N THR B 401 15.02 -0.06 -24.75
CA THR B 401 15.02 1.37 -24.43
C THR B 401 14.82 1.62 -22.95
N GLY B 402 14.62 0.56 -22.16
CA GLY B 402 14.52 0.68 -20.72
C GLY B 402 13.18 1.15 -20.20
N GLN B 403 12.10 0.97 -20.95
CA GLN B 403 10.81 1.56 -20.60
C GLN B 403 9.75 0.46 -20.51
N TYR B 404 8.96 0.49 -19.44
CA TYR B 404 8.11 -0.64 -19.07
C TYR B 404 6.69 -0.21 -18.74
N GLY B 405 5.74 -0.98 -19.24
CA GLY B 405 4.34 -0.76 -19.00
C GLY B 405 3.80 0.60 -19.43
N PRO B 406 4.05 0.99 -20.69
CA PRO B 406 3.58 2.31 -21.14
C PRO B 406 2.08 2.30 -21.36
N GLY B 407 1.42 3.39 -21.01
CA GLY B 407 0.01 3.51 -21.33
C GLY B 407 -0.66 4.71 -20.70
N HIS B 408 -1.98 4.59 -20.57
CA HIS B 408 -2.94 5.66 -20.31
C HIS B 408 -2.48 6.99 -20.87
N ASN B 409 -2.47 7.07 -22.18
CA ASN B 409 -1.90 8.19 -22.89
C ASN B 409 -2.95 9.25 -23.17
N SER B 410 -2.46 10.40 -23.62
CA SER B 410 -3.26 11.43 -24.27
C SER B 410 -2.53 11.84 -25.54
N PHE B 411 -3.23 12.57 -26.40
CA PHE B 411 -2.65 13.09 -27.64
C PHE B 411 -2.74 14.61 -27.66
N THR B 412 -1.65 15.26 -28.04
CA THR B 412 -1.65 16.71 -28.22
C THR B 412 -0.88 17.02 -29.50
N THR B 413 -0.58 18.29 -29.70
CA THR B 413 0.15 18.72 -30.89
C THR B 413 1.29 19.63 -30.50
N SER B 414 2.20 19.84 -31.45
CA SER B 414 3.15 20.92 -31.36
C SER B 414 2.39 22.24 -31.31
N PRO B 415 3.02 23.32 -30.86
CA PRO B 415 2.30 24.60 -30.78
C PRO B 415 1.73 25.06 -32.11
N ASP B 416 2.38 24.72 -33.22
CA ASP B 416 1.86 25.14 -34.52
C ASP B 416 0.78 24.22 -35.05
N GLY B 417 0.43 23.17 -34.31
CA GLY B 417 -0.61 22.25 -34.73
C GLY B 417 -0.20 21.24 -35.77
N LYS B 418 1.04 21.27 -36.25
CA LYS B 418 1.41 20.50 -37.44
C LYS B 418 1.84 19.08 -37.16
N VAL B 419 2.29 18.76 -35.96
CA VAL B 419 2.61 17.36 -35.65
C VAL B 419 1.88 16.91 -34.40
N ASP B 420 1.58 15.61 -34.36
CA ASP B 420 0.90 14.99 -33.24
C ASP B 420 1.94 14.40 -32.28
N ILE B 421 1.66 14.54 -31.00
CA ILE B 421 2.58 14.13 -29.94
C ILE B 421 1.81 13.28 -28.94
N MET B 422 2.35 12.11 -28.61
CA MET B 422 1.73 11.26 -27.61
CA MET B 422 1.75 11.24 -27.61
C MET B 422 2.39 11.51 -26.25
N VAL B 423 1.55 11.73 -25.23
CA VAL B 423 1.99 11.88 -23.85
C VAL B 423 1.46 10.67 -23.09
N TYR B 424 2.33 10.00 -22.34
CA TYR B 424 1.94 8.74 -21.71
C TYR B 424 2.84 8.52 -20.49
N HIS B 425 2.52 7.51 -19.70
CA HIS B 425 3.40 7.15 -18.58
C HIS B 425 4.11 5.83 -18.85
N ALA B 426 5.24 5.64 -18.17
CA ALA B 426 5.95 4.36 -18.17
C ALA B 426 6.93 4.36 -17.01
N ARG B 427 7.38 3.16 -16.62
CA ARG B 427 8.43 3.03 -15.63
C ARG B 427 9.74 2.72 -16.32
N ASN B 428 10.85 3.08 -15.66
CA ASN B 428 12.17 2.79 -16.22
C ASN B 428 12.85 1.59 -15.56
N TYR B 429 12.05 0.71 -14.95
CA TYR B 429 12.51 -0.58 -14.49
C TYR B 429 11.33 -1.53 -14.58
N ARG B 430 11.63 -2.83 -14.57
CA ARG B 430 10.59 -3.83 -14.76
C ARG B 430 9.98 -4.31 -13.44
N ASP B 431 10.81 -4.69 -12.48
CA ASP B 431 10.30 -5.45 -11.35
C ASP B 431 9.64 -4.53 -10.33
N ILE B 432 8.44 -4.89 -9.91
CA ILE B 432 7.69 -4.12 -8.93
C ILE B 432 7.48 -5.00 -7.71
N THR B 433 7.72 -4.44 -6.54
CA THR B 433 7.43 -5.13 -5.28
C THR B 433 6.02 -4.74 -4.84
N GLY B 434 5.14 -5.72 -4.74
CA GLY B 434 3.78 -5.47 -4.28
C GLY B 434 2.82 -5.11 -5.38
N ASP B 435 1.61 -4.74 -4.97
CA ASP B 435 0.55 -4.33 -5.90
C ASP B 435 1.04 -3.12 -6.69
N PRO B 436 1.05 -3.18 -8.02
CA PRO B 436 1.62 -2.07 -8.80
C PRO B 436 0.88 -0.76 -8.65
N LEU B 437 -0.37 -0.77 -8.20
CA LEU B 437 -1.11 0.46 -7.95
CA LEU B 437 -1.06 0.49 -8.00
C LEU B 437 -0.37 1.34 -6.95
N TYR B 438 0.43 0.74 -6.07
CA TYR B 438 1.10 1.47 -5.01
C TYR B 438 2.62 1.59 -5.24
N ASP B 439 3.09 1.23 -6.43
CA ASP B 439 4.40 1.64 -6.88
C ASP B 439 4.23 2.98 -7.60
N PRO B 440 4.83 4.06 -7.11
CA PRO B 440 4.52 5.42 -7.59
C PRO B 440 5.33 5.88 -8.79
N ASN B 441 6.13 5.02 -9.41
CA ASN B 441 7.18 5.47 -10.30
C ASN B 441 6.79 5.46 -11.78
N ARG B 442 5.50 5.49 -12.11
CA ARG B 442 5.11 5.77 -13.49
C ARG B 442 5.35 7.26 -13.75
N HIS B 443 6.15 7.56 -14.76
CA HIS B 443 6.55 8.93 -15.07
C HIS B 443 5.93 9.36 -16.39
N THR B 444 5.62 10.66 -16.48
CA THR B 444 5.04 11.26 -17.68
C THR B 444 6.13 11.59 -18.69
N ARG B 445 5.90 11.21 -19.95
CA ARG B 445 6.88 11.37 -21.02
C ARG B 445 6.15 11.64 -22.33
N ALA B 446 6.91 12.05 -23.35
CA ALA B 446 6.30 12.38 -24.63
C ALA B 446 7.21 12.01 -25.80
N GLN B 447 6.58 11.68 -26.93
CA GLN B 447 7.30 11.43 -28.18
C GLN B 447 6.37 11.70 -29.34
N ILE B 448 6.95 11.83 -30.53
CA ILE B 448 6.15 12.11 -31.72
C ILE B 448 5.28 10.92 -32.09
N VAL B 449 4.16 11.20 -32.74
CA VAL B 449 3.39 10.19 -33.47
C VAL B 449 3.81 10.28 -34.92
N ASN B 450 4.33 9.18 -35.46
CA ASN B 450 4.63 9.12 -36.88
C ASN B 450 3.43 8.56 -37.64
N TRP B 451 3.49 8.67 -38.96
CA TRP B 451 2.37 8.33 -39.84
C TRP B 451 2.86 7.45 -40.96
N ASN B 452 2.18 6.32 -41.14
CA ASN B 452 2.47 5.42 -42.24
C ASN B 452 1.94 5.98 -43.55
N ALA B 453 2.45 5.43 -44.66
CA ALA B 453 2.03 5.88 -45.98
C ALA B 453 0.53 5.74 -46.19
N ASP B 454 -0.09 4.74 -45.54
CA ASP B 454 -1.52 4.51 -45.68
C ASP B 454 -2.37 5.37 -44.73
N GLY B 455 -1.74 6.28 -43.98
CA GLY B 455 -2.48 7.18 -43.12
C GLY B 455 -2.74 6.67 -41.71
N THR B 456 -2.30 5.47 -41.39
CA THR B 456 -2.45 4.97 -40.03
C THR B 456 -1.26 5.41 -39.18
N PRO B 457 -1.44 5.50 -37.86
CA PRO B 457 -0.35 5.97 -37.00
C PRO B 457 0.70 4.89 -36.74
N ASP B 458 1.93 5.36 -36.56
CA ASP B 458 3.04 4.51 -36.12
C ASP B 458 3.51 5.12 -34.80
N PHE B 459 3.14 4.49 -33.69
CA PHE B 459 3.53 4.99 -32.39
C PHE B 459 4.96 4.64 -32.02
N GLY B 460 5.58 3.69 -32.72
CA GLY B 460 6.96 3.35 -32.47
C GLY B 460 7.14 2.60 -31.17
N ILE B 461 8.32 2.78 -30.58
CA ILE B 461 8.67 2.16 -29.30
C ILE B 461 8.91 3.28 -28.30
N PRO B 462 8.67 3.06 -27.01
CA PRO B 462 8.91 4.13 -26.03
C PRO B 462 10.37 4.56 -26.05
N VAL B 463 10.60 5.86 -26.26
CA VAL B 463 11.96 6.36 -26.38
C VAL B 463 12.72 6.18 -25.07
N ALA B 464 14.03 6.02 -25.16
CA ALA B 464 14.84 5.96 -23.96
C ALA B 464 14.80 7.29 -23.23
N ASP B 465 15.03 7.26 -21.92
CA ASP B 465 15.15 8.48 -21.13
C ASP B 465 16.24 9.38 -21.69
N GLY B 466 16.06 10.68 -21.47
CA GLY B 466 17.01 11.67 -21.94
C GLY B 466 16.39 12.67 -22.89
N THR B 467 17.21 13.39 -23.62
CA THR B 467 16.71 14.42 -24.53
C THR B 467 16.05 13.77 -25.75
N ASN B 468 14.85 14.25 -26.09
CA ASN B 468 14.16 13.82 -27.30
C ASN B 468 13.80 15.06 -28.10
N VAL B 469 14.39 15.18 -29.27
CA VAL B 469 14.04 16.24 -30.23
C VAL B 469 12.78 15.76 -30.94
N ILE B 470 11.62 16.26 -30.51
CA ILE B 470 10.36 15.82 -31.10
C ILE B 470 10.09 16.53 -32.41
N TYR B 471 10.34 17.84 -32.47
CA TYR B 471 9.92 18.60 -33.65
C TYR B 471 10.69 19.92 -33.69
N ILE B 472 11.32 20.20 -34.83
CA ILE B 472 11.89 21.51 -35.10
C ILE B 472 11.30 21.93 -36.44
N PRO B 473 10.48 22.99 -36.49
CA PRO B 473 9.76 23.35 -37.73
C PRO B 473 10.66 23.77 -38.88
C1 GOL C . 13.58 -1.11 7.96
O1 GOL C . 12.34 -1.34 8.57
C2 GOL C . 13.81 -2.22 6.89
O2 GOL C . 14.81 -1.88 6.00
C3 GOL C . 14.15 -3.56 7.64
O3 GOL C . 15.38 -3.41 8.34
C1 GOL D . 4.80 -31.85 17.77
O1 GOL D . 4.68 -31.66 19.16
C2 GOL D . 5.63 -33.12 17.54
O2 GOL D . 6.80 -33.05 18.26
C3 GOL D . 4.71 -34.31 17.98
O3 GOL D . 5.38 -35.51 17.61
C1 GOL E . -8.30 -12.17 4.34
O1 GOL E . -9.30 -12.78 3.53
C2 GOL E . -8.19 -10.70 3.91
O2 GOL E . -9.28 -9.95 4.29
C3 GOL E . -6.84 -10.16 4.50
O3 GOL E . -6.95 -10.03 5.90
C1 GOL F . 31.89 4.51 18.13
O1 GOL F . 33.24 4.45 18.49
C2 GOL F . 31.79 5.32 16.80
O2 GOL F . 32.56 4.77 15.78
C3 GOL F . 30.27 5.31 16.44
O3 GOL F . 29.86 3.97 16.27
C1 GOL G . -31.45 -25.29 13.28
O1 GOL G . -31.92 -26.48 13.81
C2 GOL G . -32.24 -24.14 13.96
O2 GOL G . -32.17 -24.24 15.34
C3 GOL G . -31.61 -22.84 13.44
O3 GOL G . -32.25 -21.79 14.07
C1 GOL H . -24.46 -21.77 -7.56
O1 GOL H . -24.34 -22.47 -6.35
C2 GOL H . -25.33 -20.50 -7.31
O2 GOL H . -26.63 -20.82 -6.94
C3 GOL H . -24.61 -19.68 -6.20
O3 GOL H . -23.27 -19.51 -6.54
C1 GOL I . -0.43 -37.01 16.64
O1 GOL I . -1.19 -38.16 16.49
C2 GOL I . 0.15 -37.05 18.08
O2 GOL I . 0.70 -35.84 18.45
C3 GOL I . -1.02 -37.45 18.99
O3 GOL I . -0.49 -37.69 20.26
C1 GOL J . 4.72 -4.09 11.03
O1 GOL J . 4.69 -5.42 11.41
C2 GOL J . 4.58 -4.04 9.51
O2 GOL J . 3.59 -3.15 9.13
C3 GOL J . 5.98 -3.60 9.01
O3 GOL J . 5.87 -2.25 8.66
MG MG K . -10.26 -19.01 8.32
MG MG L . 27.35 -5.02 11.28
C1 GOL M . 8.25 12.82 4.78
O1 GOL M . 8.36 12.51 3.43
C2 GOL M . 6.80 13.32 5.08
O2 GOL M . 6.58 13.38 6.45
C3 GOL M . 6.61 14.73 4.41
O3 GOL M . 7.44 15.69 5.05
C1 GOL N . -6.28 4.91 -13.43
O1 GOL N . -7.40 4.23 -13.97
C2 GOL N . -5.54 3.89 -12.53
O2 GOL N . -4.98 2.84 -13.25
C3 GOL N . -4.50 4.70 -11.68
O3 GOL N . -3.36 4.99 -12.47
C1 GOL O . 33.88 24.49 11.10
O1 GOL O . 32.50 24.26 11.34
C2 GOL O . 34.64 24.55 12.46
O2 GOL O . 36.03 24.55 12.23
C3 GOL O . 34.21 25.87 13.17
O3 GOL O . 34.56 26.95 12.33
C1 GOL P . 25.06 7.89 9.94
O1 GOL P . 23.90 8.45 10.51
C2 GOL P . 25.30 8.57 8.56
O2 GOL P . 24.19 8.48 7.76
C3 GOL P . 25.71 10.02 8.86
O3 GOL P . 26.98 10.00 9.46
C1 GOL Q . 12.95 29.44 17.52
O1 GOL Q . 13.14 28.14 17.99
C2 GOL Q . 11.50 29.80 17.82
O2 GOL Q . 11.27 31.14 17.61
C3 GOL Q . 10.68 28.90 16.87
O3 GOL Q . 9.62 29.64 16.42
MG MG R . -7.73 9.69 -19.84
#